data_6TUD
#
_entry.id   6TUD
#
_cell.length_a   100.800
_cell.length_b   100.800
_cell.length_c   314.409
_cell.angle_alpha   90.000
_cell.angle_beta   90.000
_cell.angle_gamma   90.000
#
_symmetry.space_group_name_H-M   'P 41 21 2'
#
loop_
_entity.id
_entity.type
_entity.pdbx_description
1 polymer 'Peptidoglycan D,D-transpeptidase FtsI'
2 water water
#
_entity_poly.entity_id   1
_entity_poly.type   'polypeptide(L)'
_entity_poly.pdbx_seq_one_letter_code
;HHHHHHSSGENLYFQGHMDMRSLRVQEVPTARGMISDRSGRPLAVSVPVNAVWADPKELIEQGGISLDTRWKALSDALEI
PLDQLATRINANPKGRFVYLARQVNPAIGDYIRKLKLPGIHLRQESRRYYPAGQVMAHIIGVTNIDGQGIEGVEKSFDRW
LTGQPGERTVRKDHYGRVIEDISSVDSQAAHNLVLSVDERLQALVYRELNNAVAFNKAESGTAVLVDVNTGEVLAMANSP
SYNPNNLTGTPKDAMRNRAITDIFEPGSTVKPMVVMTALQHGVVKENSVLNTLPYFVNGHQIKDVARYAELSVTGILQKS
SNVGVSKLALAMPSSALVDTYSRFGFGKATNLGLVGESSGLYPKKQRWSDIERATFSFGYGLMVTPLQLARVYATIGSMG
VYRPLSITRVDPPVAGERIFPEPLVRTVVHMMESVALPGGGGTKAAIKGYRIAIKTGTAKKVGPDGKYMDRYLAYTAGVA
PASNPRFALVVVINDPQAGKYYGGAVSAPVFGAIMGGVLRTMNIEPDALPTGDKSELVINTKEGSGGRS
;
_entity_poly.pdbx_strand_id   AAA,BBB
#
# COMPACT_ATOMS: atom_id res chain seq x y z
N ALA A 31 10.36 -9.47 34.06
CA ALA A 31 10.59 -9.41 32.57
C ALA A 31 9.74 -8.27 31.97
N ARG A 32 10.38 -7.15 31.61
CA ARG A 32 9.72 -5.98 30.99
C ARG A 32 9.41 -6.31 29.53
N GLY A 33 8.27 -5.83 29.01
CA GLY A 33 7.75 -6.12 27.66
C GLY A 33 8.68 -5.60 26.57
N MET A 34 8.73 -6.30 25.44
CA MET A 34 9.54 -5.94 24.25
C MET A 34 8.75 -4.95 23.40
N ILE A 35 9.34 -3.79 23.09
CA ILE A 35 8.76 -2.74 22.19
C ILE A 35 9.25 -3.01 20.76
N SER A 36 8.33 -3.03 19.80
CA SER A 36 8.59 -3.35 18.36
C SER A 36 7.94 -2.29 17.47
N ASP A 37 8.42 -2.16 16.22
CA ASP A 37 7.83 -1.29 15.17
C ASP A 37 6.61 -2.02 14.59
N ARG A 38 5.97 -1.43 13.57
CA ARG A 38 4.69 -1.94 12.98
C ARG A 38 4.93 -3.29 12.27
N SER A 39 6.14 -3.53 11.76
CA SER A 39 6.54 -4.76 11.03
C SER A 39 7.11 -5.81 12.00
N GLY A 40 7.18 -5.50 13.30
CA GLY A 40 7.61 -6.44 14.35
C GLY A 40 9.11 -6.43 14.59
N ARG A 41 9.82 -5.43 14.07
CA ARG A 41 11.28 -5.25 14.26
C ARG A 41 11.54 -4.77 15.68
N PRO A 42 12.60 -5.24 16.37
CA PRO A 42 12.84 -4.90 17.77
C PRO A 42 13.38 -3.47 17.95
N LEU A 43 12.80 -2.71 18.87
CA LEU A 43 13.17 -1.30 19.17
C LEU A 43 13.64 -1.16 20.62
N ALA A 44 13.12 -1.98 21.55
CA ALA A 44 13.51 -2.04 22.98
C ALA A 44 13.36 -3.47 23.50
N VAL A 45 14.45 -4.06 23.99
CA VAL A 45 14.50 -5.44 24.57
C VAL A 45 15.21 -5.38 25.92
N SER A 46 14.86 -6.29 26.83
CA SER A 46 15.47 -6.44 28.18
C SER A 46 16.66 -7.41 28.10
N VAL A 47 17.87 -6.87 28.08
CA VAL A 47 19.15 -7.63 28.19
C VAL A 47 19.46 -7.81 29.68
N PRO A 48 19.92 -9.01 30.12
CA PRO A 48 20.20 -9.25 31.54
C PRO A 48 21.55 -8.66 31.96
N VAL A 49 21.59 -8.08 33.16
CA VAL A 49 22.78 -7.41 33.77
C VAL A 49 22.73 -7.64 35.28
N ASN A 50 23.90 -7.70 35.94
CA ASN A 50 24.02 -8.13 37.36
C ASN A 50 23.93 -6.92 38.28
N ALA A 51 23.92 -7.16 39.60
CA ALA A 51 24.06 -6.18 40.70
C ALA A 51 24.96 -6.79 41.79
N VAL A 52 25.90 -6.02 42.33
CA VAL A 52 26.95 -6.50 43.28
C VAL A 52 26.72 -5.84 44.64
N TRP A 53 26.55 -6.64 45.71
CA TRP A 53 26.41 -6.19 47.11
C TRP A 53 26.86 -7.29 48.07
N GLN A 62 32.86 -10.51 61.14
CA GLN A 62 33.92 -10.70 60.12
C GLN A 62 33.73 -9.64 59.02
N GLY A 63 33.72 -8.36 59.41
CA GLY A 63 33.49 -7.21 58.52
C GLY A 63 34.74 -6.39 58.26
N GLY A 64 35.92 -7.00 58.46
CA GLY A 64 37.24 -6.39 58.15
C GLY A 64 37.78 -6.94 56.84
N ILE A 65 38.41 -6.07 56.04
CA ILE A 65 39.01 -6.43 54.72
C ILE A 65 40.20 -7.34 55.03
N SER A 66 40.20 -8.57 54.49
CA SER A 66 41.24 -9.61 54.75
C SER A 66 42.59 -9.17 54.14
N LEU A 67 42.55 -8.25 53.18
CA LEU A 67 43.71 -7.75 52.38
C LEU A 67 44.37 -8.94 51.68
N ASP A 68 43.55 -9.84 51.14
CA ASP A 68 43.96 -10.91 50.20
C ASP A 68 44.17 -10.29 48.82
N THR A 69 44.56 -11.09 47.84
CA THR A 69 44.83 -10.66 46.43
C THR A 69 43.52 -10.41 45.69
N ARG A 70 42.40 -10.96 46.20
CA ARG A 70 41.06 -10.91 45.55
C ARG A 70 40.49 -9.49 45.57
N TRP A 71 40.70 -8.75 46.66
CA TRP A 71 40.09 -7.40 46.90
C TRP A 71 40.65 -6.40 45.89
N LYS A 72 41.93 -6.52 45.54
CA LYS A 72 42.60 -5.70 44.49
C LYS A 72 41.96 -5.99 43.13
N ALA A 73 41.82 -7.28 42.79
CA ALA A 73 41.21 -7.78 41.53
C ALA A 73 39.73 -7.38 41.47
N LEU A 74 39.09 -7.22 42.64
CA LEU A 74 37.71 -6.67 42.78
C LEU A 74 37.73 -5.18 42.39
N SER A 75 38.66 -4.42 42.98
CA SER A 75 38.87 -2.96 42.74
C SER A 75 39.11 -2.68 41.25
N ASP A 76 39.94 -3.51 40.60
CA ASP A 76 40.29 -3.40 39.16
C ASP A 76 39.05 -3.68 38.30
N ALA A 77 38.20 -4.62 38.72
CA ALA A 77 37.01 -5.09 37.99
C ALA A 77 35.89 -4.04 38.04
N LEU A 78 35.58 -3.53 39.24
CA LEU A 78 34.40 -2.65 39.50
C LEU A 78 34.77 -1.17 39.37
N GLU A 79 36.04 -0.84 39.09
CA GLU A 79 36.55 0.55 38.92
C GLU A 79 36.40 1.31 40.25
N ILE A 80 36.61 0.63 41.38
CA ILE A 80 36.36 1.13 42.76
C ILE A 80 37.63 0.99 43.59
N PRO A 81 38.36 2.10 43.87
CA PRO A 81 39.60 2.03 44.67
C PRO A 81 39.43 1.35 46.02
N LEU A 82 40.51 0.75 46.54
CA LEU A 82 40.56 0.06 47.87
C LEU A 82 40.03 0.99 48.96
N ASP A 83 40.53 2.23 48.99
CA ASP A 83 40.12 3.28 49.97
C ASP A 83 38.62 3.56 49.83
N GLN A 84 38.12 3.66 48.61
CA GLN A 84 36.70 3.97 48.29
C GLN A 84 35.83 2.75 48.61
N LEU A 85 36.23 1.57 48.11
CA LEU A 85 35.54 0.26 48.34
C LEU A 85 35.36 0.06 49.85
N ALA A 86 36.47 0.10 50.61
CA ALA A 86 36.52 -0.14 52.08
C ALA A 86 35.66 0.88 52.83
N THR A 87 35.78 2.17 52.48
CA THR A 87 35.14 3.31 53.19
C THR A 87 33.62 3.31 52.93
N ARG A 88 33.19 3.02 51.71
CA ARG A 88 31.76 3.09 51.27
C ARG A 88 30.93 1.99 51.95
N ILE A 89 31.57 0.92 52.43
CA ILE A 89 30.90 -0.21 53.14
C ILE A 89 31.11 -0.09 54.65
N ASN A 90 32.10 0.70 55.10
CA ASN A 90 32.45 0.88 56.53
C ASN A 90 31.57 2.00 57.12
N VAL A 98 24.08 -3.16 51.64
CA VAL A 98 24.68 -1.90 51.08
C VAL A 98 25.18 -2.20 49.66
N TYR A 99 24.72 -1.40 48.68
CA TYR A 99 25.12 -1.51 47.24
C TYR A 99 26.57 -1.08 47.05
N LEU A 100 27.23 -1.66 46.05
CA LEU A 100 28.65 -1.39 45.67
C LEU A 100 28.69 -0.95 44.21
N ALA A 101 28.10 -1.75 43.31
CA ALA A 101 27.96 -1.49 41.86
C ALA A 101 26.58 -1.97 41.39
N ARG A 102 25.96 -1.25 40.46
CA ARG A 102 24.65 -1.58 39.86
C ARG A 102 24.77 -1.55 38.33
N GLN A 103 23.84 -2.22 37.64
CA GLN A 103 23.81 -2.34 36.15
C GLN A 103 25.21 -2.72 35.68
N VAL A 104 25.70 -3.86 36.18
CA VAL A 104 27.08 -4.39 35.96
C VAL A 104 27.00 -5.54 34.96
N ASN A 105 27.94 -5.60 34.01
CA ASN A 105 28.02 -6.65 32.96
C ASN A 105 28.04 -8.02 33.63
N PRO A 106 27.24 -9.01 33.15
CA PRO A 106 27.24 -10.35 33.74
C PRO A 106 28.60 -11.07 33.70
N ALA A 107 29.36 -10.85 32.62
CA ALA A 107 30.73 -11.40 32.42
C ALA A 107 31.62 -11.05 33.62
N ILE A 108 31.68 -9.77 33.97
CA ILE A 108 32.31 -9.26 35.24
C ILE A 108 31.58 -9.95 36.41
N GLY A 109 30.25 -9.92 36.40
CA GLY A 109 29.39 -10.53 37.45
C GLY A 109 29.78 -11.96 37.78
N ASP A 110 30.01 -12.79 36.75
CA ASP A 110 30.36 -14.23 36.90
C ASP A 110 31.80 -14.36 37.41
N TYR A 111 32.69 -13.45 37.01
CA TYR A 111 34.11 -13.37 37.47
C TYR A 111 34.15 -13.01 38.96
N ILE A 112 33.15 -12.27 39.45
CA ILE A 112 33.02 -11.82 40.86
C ILE A 112 32.53 -12.97 41.73
N ARG A 113 31.52 -13.72 41.26
CA ARG A 113 30.92 -14.89 41.98
C ARG A 113 32.03 -15.90 42.31
N LYS A 114 32.95 -16.13 41.37
CA LYS A 114 33.99 -17.20 41.45
C LYS A 114 35.26 -16.65 42.14
N LEU A 115 35.16 -15.52 42.86
CA LEU A 115 36.14 -15.08 43.88
C LEU A 115 35.69 -15.61 45.25
N LYS A 116 34.38 -15.61 45.50
CA LYS A 116 33.73 -16.19 46.72
C LYS A 116 34.18 -15.40 47.96
N LEU A 117 34.08 -14.07 47.89
CA LEU A 117 34.50 -13.10 48.95
C LEU A 117 33.50 -13.14 50.11
N PRO A 118 33.78 -12.46 51.24
CA PRO A 118 32.95 -12.61 52.45
C PRO A 118 31.55 -12.00 52.31
N GLY A 119 30.55 -12.85 52.09
CA GLY A 119 29.12 -12.47 52.00
C GLY A 119 28.84 -11.54 50.84
N ILE A 120 29.56 -11.70 49.72
CA ILE A 120 29.25 -11.00 48.44
C ILE A 120 28.01 -11.67 47.83
N HIS A 121 27.00 -10.87 47.46
CA HIS A 121 25.68 -11.32 46.96
C HIS A 121 25.40 -10.66 45.61
N LEU A 122 25.06 -11.46 44.59
CA LEU A 122 24.76 -10.99 43.21
C LEU A 122 23.24 -11.00 42.99
N ARG A 123 22.68 -9.85 42.59
CA ARG A 123 21.24 -9.65 42.27
C ARG A 123 21.08 -9.48 40.76
N GLN A 124 19.97 -9.98 40.21
CA GLN A 124 19.65 -9.94 38.75
C GLN A 124 18.95 -8.62 38.44
N GLU A 125 19.43 -7.89 37.42
CA GLU A 125 18.85 -6.60 36.95
C GLU A 125 18.56 -6.70 35.44
N SER A 126 17.89 -5.68 34.89
CA SER A 126 17.42 -5.63 33.48
C SER A 126 17.75 -4.27 32.86
N ARG A 127 18.94 -4.15 32.26
CA ARG A 127 19.31 -3.02 31.36
C ARG A 127 18.52 -3.18 30.06
N ARG A 128 17.95 -2.08 29.55
CA ARG A 128 17.22 -2.06 28.25
C ARG A 128 18.22 -1.79 27.12
N TYR A 129 18.20 -2.62 26.08
CA TYR A 129 19.00 -2.46 24.83
C TYR A 129 18.06 -1.95 23.73
N TYR A 130 18.48 -0.87 23.04
CA TYR A 130 17.68 -0.17 21.99
C TYR A 130 18.42 -0.29 20.66
N PRO A 131 18.06 -1.28 19.80
CA PRO A 131 18.81 -1.53 18.56
C PRO A 131 18.99 -0.30 17.68
N ALA A 132 17.92 0.49 17.52
CA ALA A 132 17.89 1.74 16.73
C ALA A 132 18.72 2.82 17.44
N GLY A 133 18.44 3.05 18.73
CA GLY A 133 19.19 3.97 19.59
C GLY A 133 18.88 5.43 19.27
N GLN A 134 19.91 6.19 18.88
CA GLN A 134 19.84 7.63 18.50
C GLN A 134 18.70 7.88 17.51
N VAL A 135 18.42 6.93 16.63
CA VAL A 135 17.46 7.08 15.48
C VAL A 135 16.05 7.31 16.02
N MET A 136 15.61 6.54 17.03
CA MET A 136 14.25 6.66 17.63
C MET A 136 14.36 6.86 19.15
N ALA A 137 15.37 7.62 19.61
CA ALA A 137 15.63 7.90 21.04
C ALA A 137 14.40 8.55 21.69
N HIS A 138 13.79 9.51 21.01
CA HIS A 138 12.74 10.42 21.57
C HIS A 138 11.38 9.70 21.67
N ILE A 139 11.06 8.82 20.72
CA ILE A 139 9.78 8.03 20.71
C ILE A 139 9.88 6.96 21.80
N ILE A 140 10.84 6.04 21.66
CA ILE A 140 11.05 4.87 22.57
C ILE A 140 11.31 5.40 24.00
N GLY A 141 12.16 6.42 24.12
CA GLY A 141 12.58 6.99 25.41
C GLY A 141 13.63 6.12 26.08
N VAL A 142 13.67 6.14 27.42
CA VAL A 142 14.59 5.30 28.24
C VAL A 142 13.87 4.89 29.54
N THR A 143 14.44 3.89 30.22
CA THR A 143 14.00 3.40 31.55
C THR A 143 15.08 3.74 32.59
N ASN A 144 14.70 3.84 33.86
CA ASN A 144 15.63 4.17 34.98
C ASN A 144 16.35 2.89 35.43
N ILE A 145 17.08 2.96 36.55
CA ILE A 145 17.94 1.85 37.05
C ILE A 145 17.07 0.71 37.58
N ASP A 146 15.83 1.01 38.00
CA ASP A 146 14.88 0.03 38.60
C ASP A 146 13.91 -0.48 37.53
N GLY A 147 14.19 -0.21 36.25
CA GLY A 147 13.34 -0.60 35.10
C GLY A 147 11.97 0.04 35.17
N GLN A 148 11.92 1.33 35.49
CA GLN A 148 10.69 2.17 35.56
C GLN A 148 10.74 3.18 34.40
N GLY A 149 9.67 3.28 33.62
CA GLY A 149 9.57 4.21 32.49
C GLY A 149 9.67 5.66 32.94
N ILE A 150 10.61 6.42 32.38
CA ILE A 150 10.86 7.85 32.74
C ILE A 150 10.64 8.76 31.51
N GLU A 151 10.86 8.26 30.29
CA GLU A 151 10.71 9.05 29.02
C GLU A 151 10.10 8.17 27.92
N GLY A 152 9.52 8.80 26.90
CA GLY A 152 9.02 8.15 25.67
C GLY A 152 7.86 7.20 25.95
N VAL A 153 7.67 6.21 25.08
CA VAL A 153 6.60 5.16 25.19
C VAL A 153 6.91 4.26 26.39
N GLU A 154 8.20 4.14 26.75
CA GLU A 154 8.68 3.37 27.93
C GLU A 154 7.93 3.82 29.19
N LYS A 155 7.70 5.13 29.33
CA LYS A 155 6.93 5.76 30.44
C LYS A 155 5.43 5.71 30.12
N SER A 156 5.05 6.09 28.89
CA SER A 156 3.66 6.14 28.40
C SER A 156 2.95 4.79 28.62
N PHE A 157 3.67 3.69 28.39
CA PHE A 157 3.15 2.30 28.50
C PHE A 157 3.91 1.51 29.58
N ASP A 158 4.35 2.20 30.64
CA ASP A 158 5.08 1.61 31.79
C ASP A 158 4.20 0.55 32.44
N ARG A 159 2.91 0.84 32.62
CA ARG A 159 1.89 -0.08 33.22
C ARG A 159 1.82 -1.38 32.41
N TRP A 160 1.55 -1.28 31.11
CA TRP A 160 1.37 -2.43 30.18
C TRP A 160 2.66 -3.25 30.08
N LEU A 161 3.82 -2.58 30.03
CA LEU A 161 5.14 -3.20 29.76
C LEU A 161 5.67 -3.91 31.02
N THR A 162 5.08 -3.67 32.19
CA THR A 162 5.48 -4.30 33.49
C THR A 162 4.34 -5.19 34.00
N GLY A 163 3.14 -4.60 34.19
CA GLY A 163 1.94 -5.30 34.68
C GLY A 163 1.25 -6.09 33.57
N ALA A 190 3.39 -8.64 32.19
CA ALA A 190 4.02 -7.85 31.09
C ALA A 190 3.74 -8.53 29.74
N HIS A 191 3.47 -7.73 28.69
CA HIS A 191 3.36 -8.19 27.28
C HIS A 191 3.99 -7.14 26.35
N ASN A 192 4.17 -7.51 25.08
CA ASN A 192 4.96 -6.74 24.07
C ASN A 192 4.10 -5.64 23.46
N LEU A 193 4.74 -4.55 23.02
CA LEU A 193 4.10 -3.34 22.45
C LEU A 193 4.48 -3.23 20.97
N VAL A 194 3.49 -3.04 20.10
CA VAL A 194 3.68 -2.85 18.63
C VAL A 194 3.32 -1.40 18.29
N LEU A 195 4.33 -0.58 17.94
CA LEU A 195 4.17 0.86 17.64
C LEU A 195 3.76 1.05 16.17
N SER A 196 3.22 2.22 15.86
CA SER A 196 2.80 2.66 14.49
C SER A 196 4.05 2.94 13.64
N VAL A 197 5.16 3.31 14.28
CA VAL A 197 6.43 3.74 13.62
C VAL A 197 6.93 2.60 12.73
N ASP A 198 7.49 2.93 11.56
CA ASP A 198 8.24 2.01 10.68
C ASP A 198 9.73 2.39 10.75
N GLU A 199 10.53 1.58 11.44
CA GLU A 199 12.01 1.77 11.58
C GLU A 199 12.61 2.18 10.23
N ARG A 200 12.23 1.47 9.16
CA ARG A 200 12.70 1.67 7.77
C ARG A 200 12.48 3.14 7.35
N LEU A 201 11.31 3.70 7.65
CA LEU A 201 10.95 5.12 7.33
C LEU A 201 11.66 6.05 8.31
N GLN A 202 11.49 5.82 9.62
CA GLN A 202 12.12 6.62 10.71
C GLN A 202 13.61 6.84 10.39
N ALA A 203 14.31 5.77 9.98
CA ALA A 203 15.73 5.78 9.60
C ALA A 203 15.97 6.77 8.46
N LEU A 204 15.15 6.69 7.41
CA LEU A 204 15.21 7.58 6.22
C LEU A 204 14.89 9.02 6.63
N VAL A 205 13.83 9.21 7.41
CA VAL A 205 13.37 10.54 7.94
C VAL A 205 14.51 11.16 8.76
N TYR A 206 15.06 10.40 9.71
CA TYR A 206 16.09 10.86 10.68
C TYR A 206 17.37 11.27 9.94
N ARG A 207 17.86 10.44 9.01
CA ARG A 207 19.13 10.67 8.27
C ARG A 207 19.05 12.00 7.53
N GLU A 208 17.98 12.22 6.76
CA GLU A 208 17.76 13.44 5.93
C GLU A 208 17.72 14.68 6.85
N LEU A 209 17.02 14.58 7.98
CA LEU A 209 16.87 15.66 8.98
C LEU A 209 18.23 15.99 9.61
N ASN A 210 18.91 14.97 10.14
CA ASN A 210 20.22 15.10 10.85
C ASN A 210 21.23 15.76 9.90
N ASN A 211 21.27 15.32 8.63
CA ASN A 211 22.17 15.87 7.58
C ASN A 211 21.80 17.32 7.27
N ALA A 212 20.50 17.62 7.23
CA ALA A 212 19.95 18.97 6.90
C ALA A 212 20.32 19.97 7.98
N VAL A 213 20.13 19.60 9.25
CA VAL A 213 20.45 20.45 10.44
C VAL A 213 21.95 20.80 10.38
N ALA A 214 22.80 19.80 10.14
CA ALA A 214 24.27 19.93 10.05
C ALA A 214 24.65 20.81 8.85
N PHE A 215 24.11 20.50 7.66
CA PHE A 215 24.36 21.23 6.38
C PHE A 215 24.05 22.72 6.56
N ASN A 216 22.94 23.05 7.22
CA ASN A 216 22.44 24.43 7.43
C ASN A 216 23.13 25.09 8.62
N LYS A 217 23.87 24.32 9.43
CA LYS A 217 24.52 24.77 10.69
C LYS A 217 23.44 25.20 11.69
N ALA A 218 22.24 24.65 11.57
CA ALA A 218 21.05 24.99 12.40
C ALA A 218 21.23 24.43 13.81
N GLU A 219 20.63 25.07 14.82
CA GLU A 219 20.68 24.64 16.23
C GLU A 219 19.96 23.29 16.37
N SER A 220 18.78 23.15 15.74
CA SER A 220 17.87 21.98 15.91
C SER A 220 17.12 21.68 14.61
N GLY A 221 16.39 20.55 14.59
CA GLY A 221 15.50 20.12 13.50
C GLY A 221 14.53 19.05 13.95
N THR A 222 13.31 19.05 13.41
CA THR A 222 12.21 18.11 13.77
C THR A 222 11.45 17.71 12.51
N ALA A 223 11.08 16.43 12.39
CA ALA A 223 10.27 15.86 11.29
C ALA A 223 9.24 14.88 11.87
N VAL A 224 7.96 15.08 11.56
CA VAL A 224 6.83 14.19 11.97
C VAL A 224 6.10 13.74 10.71
N LEU A 225 5.96 12.42 10.53
CA LEU A 225 5.31 11.77 9.35
C LEU A 225 4.07 11.00 9.82
N VAL A 226 2.89 11.40 9.36
CA VAL A 226 1.58 10.81 9.76
C VAL A 226 0.91 10.21 8.52
N ASP A 227 0.20 9.08 8.69
CA ASP A 227 -0.67 8.46 7.66
C ASP A 227 -2.01 9.20 7.65
N VAL A 228 -2.44 9.68 6.48
CA VAL A 228 -3.66 10.53 6.31
C VAL A 228 -4.90 9.67 6.55
N ASN A 229 -4.80 8.35 6.34
CA ASN A 229 -5.95 7.40 6.31
C ASN A 229 -6.17 6.79 7.71
N THR A 230 -5.08 6.42 8.41
CA THR A 230 -5.13 5.70 9.71
C THR A 230 -4.87 6.65 10.89
N GLY A 231 -4.19 7.78 10.64
CA GLY A 231 -3.77 8.73 11.68
C GLY A 231 -2.60 8.18 12.51
N GLU A 232 -1.96 7.13 12.01
CA GLU A 232 -0.78 6.48 12.64
C GLU A 232 0.44 7.39 12.45
N VAL A 233 1.32 7.47 13.46
CA VAL A 233 2.63 8.18 13.36
C VAL A 233 3.66 7.19 12.79
N LEU A 234 4.01 7.36 11.50
CA LEU A 234 4.95 6.46 10.77
C LEU A 234 6.39 6.77 11.19
N ALA A 235 6.69 8.03 11.51
CA ALA A 235 8.02 8.48 12.00
C ALA A 235 7.89 9.78 12.78
N MET A 236 8.84 10.04 13.68
CA MET A 236 8.92 11.26 14.53
C MET A 236 10.39 11.46 14.94
N ALA A 237 11.22 11.93 14.01
CA ALA A 237 12.66 12.14 14.20
C ALA A 237 12.92 13.55 14.74
N ASN A 238 13.88 13.65 15.67
CA ASN A 238 14.39 14.92 16.25
C ASN A 238 15.92 14.93 16.11
N SER A 239 16.50 16.08 15.74
CA SER A 239 17.96 16.33 15.75
C SER A 239 18.23 17.65 16.45
N PRO A 240 19.04 17.68 17.54
CA PRO A 240 19.86 16.55 17.96
C PRO A 240 19.07 15.44 18.66
N SER A 241 19.64 14.23 18.71
CA SER A 241 19.13 13.07 19.46
C SER A 241 20.10 12.75 20.59
N TYR A 242 19.85 11.65 21.33
CA TYR A 242 20.74 11.14 22.41
C TYR A 242 20.90 9.63 22.23
N ASN A 243 21.89 9.04 22.91
CA ASN A 243 22.15 7.58 22.91
C ASN A 243 21.45 6.97 24.13
N PRO A 244 20.30 6.28 23.93
CA PRO A 244 19.58 5.65 25.03
C PRO A 244 20.34 4.46 25.66
N ASN A 245 21.24 3.84 24.90
CA ASN A 245 22.07 2.68 25.33
C ASN A 245 23.13 3.16 26.33
N ASN A 246 23.60 4.41 26.21
CA ASN A 246 24.62 5.02 27.11
C ASN A 246 24.28 6.51 27.33
N LEU A 247 23.63 6.82 28.46
CA LEU A 247 23.19 8.19 28.85
C LEU A 247 24.29 8.90 29.65
N THR A 248 25.50 9.02 29.08
CA THR A 248 26.66 9.65 29.77
C THR A 248 27.16 10.84 28.94
N GLY A 249 27.13 12.04 29.51
CA GLY A 249 27.61 13.29 28.89
C GLY A 249 26.50 14.03 28.15
N THR A 250 25.25 13.54 28.21
CA THR A 250 24.06 14.15 27.56
C THR A 250 23.28 14.98 28.58
N PRO A 251 22.94 16.25 28.25
CA PRO A 251 22.16 17.11 29.14
C PRO A 251 20.66 16.76 29.20
N LYS A 252 19.90 17.37 30.11
CA LYS A 252 18.43 17.19 30.27
C LYS A 252 17.71 17.80 29.05
N ASP A 253 18.18 18.95 28.57
CA ASP A 253 17.55 19.73 27.46
C ASP A 253 17.52 18.90 26.17
N ALA A 254 18.51 18.01 25.99
CA ALA A 254 18.64 17.12 24.81
C ALA A 254 17.59 16.00 24.86
N MET A 255 17.09 15.66 26.05
CA MET A 255 16.15 14.53 26.30
C MET A 255 14.75 14.88 25.77
N ARG A 256 14.35 16.15 25.92
CA ARG A 256 13.02 16.69 25.55
C ARG A 256 12.66 16.31 24.11
N ASN A 257 11.43 15.83 23.89
CA ASN A 257 10.86 15.49 22.55
C ASN A 257 10.32 16.79 21.92
N ARG A 258 11.18 17.50 21.17
CA ARG A 258 10.90 18.84 20.60
C ARG A 258 9.70 18.79 19.63
N ALA A 259 9.34 17.60 19.16
CA ALA A 259 8.22 17.38 18.22
C ALA A 259 6.86 17.56 18.91
N ILE A 260 6.81 17.47 20.24
CA ILE A 260 5.54 17.48 21.03
C ILE A 260 5.58 18.54 22.15
N THR A 261 6.73 19.17 22.39
CA THR A 261 6.96 20.11 23.53
C THR A 261 7.17 21.54 23.02
N ASP A 262 8.07 21.73 22.05
CA ASP A 262 8.39 23.05 21.45
C ASP A 262 7.25 23.47 20.51
N ILE A 263 6.64 24.62 20.79
CA ILE A 263 5.50 25.21 20.01
C ILE A 263 5.96 26.52 19.36
N PHE A 264 5.31 26.90 18.25
CA PHE A 264 5.65 28.09 17.43
C PHE A 264 4.40 28.56 16.69
N GLU A 265 4.36 29.85 16.32
CA GLU A 265 3.25 30.46 15.53
C GLU A 265 3.20 29.78 14.16
N PRO A 266 2.07 29.14 13.80
CA PRO A 266 2.02 28.28 12.60
C PRO A 266 2.32 29.04 11.30
N GLY A 267 1.98 30.33 11.25
CA GLY A 267 2.33 31.23 10.14
C GLY A 267 1.60 30.87 8.85
N SER A 268 2.31 30.91 7.72
CA SER A 268 1.78 30.76 6.33
C SER A 268 1.05 29.42 6.15
N THR A 269 1.32 28.43 7.00
CA THR A 269 0.76 27.04 6.90
C THR A 269 -0.76 27.03 7.14
N VAL A 270 -1.32 28.11 7.68
CA VAL A 270 -2.79 28.23 7.99
C VAL A 270 -3.55 28.72 6.76
N LYS A 271 -2.85 29.25 5.75
CA LYS A 271 -3.45 29.98 4.60
C LYS A 271 -4.31 29.03 3.76
N PRO A 272 -3.95 27.74 3.59
CA PRO A 272 -4.87 26.76 2.98
C PRO A 272 -6.24 26.71 3.68
N MET A 273 -6.27 26.80 5.02
CA MET A 273 -7.52 26.78 5.82
C MET A 273 -8.31 28.08 5.60
N VAL A 274 -7.63 29.21 5.43
CA VAL A 274 -8.28 30.53 5.16
C VAL A 274 -9.08 30.41 3.86
N VAL A 275 -8.44 29.90 2.80
CA VAL A 275 -9.04 29.74 1.43
C VAL A 275 -10.26 28.83 1.52
N MET A 276 -10.16 27.73 2.28
CA MET A 276 -11.28 26.77 2.52
C MET A 276 -12.48 27.54 3.11
N THR A 277 -12.27 28.25 4.22
CA THR A 277 -13.32 29.01 4.96
C THR A 277 -13.99 30.00 4.01
N ALA A 278 -13.18 30.75 3.26
CA ALA A 278 -13.63 31.79 2.29
C ALA A 278 -14.46 31.15 1.18
N LEU A 279 -14.08 29.95 0.73
CA LEU A 279 -14.81 29.17 -0.30
C LEU A 279 -16.16 28.70 0.27
N GLN A 280 -16.16 28.21 1.51
CA GLN A 280 -17.37 27.68 2.19
C GLN A 280 -18.34 28.81 2.51
N HIS A 281 -17.83 29.96 2.95
CA HIS A 281 -18.63 31.16 3.34
C HIS A 281 -19.13 31.90 2.08
N GLY A 282 -18.77 31.42 0.88
CA GLY A 282 -19.25 31.95 -0.41
C GLY A 282 -18.64 33.29 -0.75
N VAL A 283 -17.65 33.74 0.05
CA VAL A 283 -16.94 35.04 -0.11
C VAL A 283 -16.18 35.04 -1.44
N VAL A 284 -15.83 33.85 -1.94
CA VAL A 284 -14.93 33.67 -3.12
C VAL A 284 -15.29 32.37 -3.84
N LYS A 285 -15.10 32.33 -5.17
CA LYS A 285 -15.19 31.10 -6.01
C LYS A 285 -13.76 30.60 -6.27
N GLU A 286 -13.61 29.40 -6.84
CA GLU A 286 -12.28 28.74 -7.03
C GLU A 286 -11.51 29.42 -8.17
N ASN A 287 -12.17 30.23 -9.00
CA ASN A 287 -11.56 30.96 -10.15
C ASN A 287 -11.58 32.47 -9.89
N SER A 288 -11.96 32.91 -8.69
CA SER A 288 -12.09 34.34 -8.31
C SER A 288 -10.71 35.01 -8.28
N VAL A 289 -10.63 36.24 -8.79
CA VAL A 289 -9.41 37.09 -8.81
C VAL A 289 -9.64 38.28 -7.87
N LEU A 290 -8.64 38.61 -7.04
CA LEU A 290 -8.72 39.69 -6.02
C LEU A 290 -7.73 40.81 -6.35
N ASN A 291 -8.07 42.04 -5.96
CA ASN A 291 -7.13 43.20 -5.95
C ASN A 291 -6.13 42.98 -4.81
N THR A 292 -4.86 42.71 -5.14
CA THR A 292 -3.79 42.32 -4.17
C THR A 292 -2.76 43.43 -4.05
N LEU A 293 -3.14 44.68 -4.30
CA LEU A 293 -2.29 45.88 -4.02
C LEU A 293 -2.24 46.10 -2.52
N PRO A 294 -1.18 46.74 -1.97
CA PRO A 294 -1.06 46.93 -0.52
C PRO A 294 -2.10 47.94 -0.02
N TYR A 295 -2.68 47.69 1.15
CA TYR A 295 -3.69 48.56 1.80
C TYR A 295 -3.48 48.55 3.32
N PHE A 296 -4.25 49.37 4.04
CA PHE A 296 -4.09 49.64 5.49
C PHE A 296 -5.27 49.08 6.29
N VAL A 297 -4.99 48.58 7.50
CA VAL A 297 -5.98 48.08 8.49
C VAL A 297 -5.56 48.60 9.87
N ASN A 298 -6.34 49.51 10.45
CA ASN A 298 -6.09 50.15 11.77
C ASN A 298 -4.67 50.74 11.79
N GLY A 299 -4.29 51.43 10.71
CA GLY A 299 -3.00 52.14 10.58
C GLY A 299 -1.80 51.21 10.50
N HIS A 300 -2.01 49.98 9.99
CA HIS A 300 -0.94 49.00 9.67
C HIS A 300 -1.01 48.66 8.17
N GLN A 301 0.12 48.70 7.47
CA GLN A 301 0.21 48.37 6.02
C GLN A 301 0.32 46.85 5.86
N ILE A 302 -0.70 46.23 5.27
CA ILE A 302 -0.69 44.80 4.84
C ILE A 302 -0.08 44.76 3.44
N LYS A 303 1.12 44.19 3.30
CA LYS A 303 1.86 44.12 2.01
C LYS A 303 2.70 42.84 1.97
N ASP A 304 2.81 42.23 0.78
CA ASP A 304 3.73 41.10 0.49
C ASP A 304 5.04 41.67 -0.04
N VAL A 305 6.17 41.03 0.27
CA VAL A 305 7.53 41.43 -0.23
C VAL A 305 7.47 41.43 -1.77
N ALA A 306 7.04 40.31 -2.36
CA ALA A 306 6.76 40.17 -3.80
C ALA A 306 5.42 40.85 -4.11
N ARG A 307 5.45 42.05 -4.70
CA ARG A 307 4.25 42.89 -4.97
C ARG A 307 3.55 42.40 -6.23
N TYR A 308 2.22 42.23 -6.18
CA TYR A 308 1.36 41.78 -7.31
C TYR A 308 0.09 42.64 -7.37
N ALA A 309 -0.35 42.96 -8.59
CA ALA A 309 -1.56 43.77 -8.88
C ALA A 309 -2.81 42.92 -8.61
N GLU A 310 -2.88 41.73 -9.23
CA GLU A 310 -4.02 40.78 -9.14
C GLU A 310 -3.47 39.37 -8.88
N LEU A 311 -4.17 38.59 -8.05
CA LEU A 311 -3.91 37.13 -7.83
C LEU A 311 -5.24 36.39 -7.75
N SER A 312 -5.31 35.18 -8.30
CA SER A 312 -6.43 34.21 -8.12
C SER A 312 -6.30 33.57 -6.73
N VAL A 313 -7.37 32.95 -6.24
CA VAL A 313 -7.38 32.19 -4.96
C VAL A 313 -6.20 31.22 -4.95
N THR A 314 -5.89 30.61 -6.11
CA THR A 314 -4.72 29.73 -6.35
C THR A 314 -3.44 30.53 -6.09
N GLY A 315 -3.31 31.70 -6.74
CA GLY A 315 -2.15 32.61 -6.63
C GLY A 315 -1.88 33.03 -5.20
N ILE A 316 -2.93 33.24 -4.40
CA ILE A 316 -2.83 33.69 -2.98
C ILE A 316 -2.02 32.67 -2.18
N LEU A 317 -2.30 31.37 -2.36
CA LEU A 317 -1.55 30.24 -1.73
C LEU A 317 -0.17 30.12 -2.39
N GLN A 318 -0.14 30.19 -3.72
CA GLN A 318 1.10 30.09 -4.55
C GLN A 318 2.16 31.07 -4.04
N LYS A 319 1.80 32.36 -3.95
CA LYS A 319 2.72 33.48 -3.66
C LYS A 319 2.76 33.78 -2.16
N SER A 320 1.93 33.10 -1.36
CA SER A 320 1.80 33.31 0.11
C SER A 320 1.40 34.76 0.37
N SER A 321 0.35 35.22 -0.30
CA SER A 321 -0.09 36.65 -0.32
C SER A 321 -0.83 37.00 0.98
N ASN A 322 -0.16 37.71 1.89
CA ASN A 322 -0.75 38.28 3.13
C ASN A 322 -1.93 39.17 2.73
N VAL A 323 -1.73 40.05 1.74
CA VAL A 323 -2.80 40.94 1.17
C VAL A 323 -3.97 40.05 0.74
N GLY A 324 -3.70 38.97 0.01
CA GLY A 324 -4.70 38.00 -0.47
C GLY A 324 -5.59 37.50 0.66
N VAL A 325 -4.99 36.80 1.64
CA VAL A 325 -5.72 36.11 2.74
C VAL A 325 -6.41 37.14 3.64
N SER A 326 -5.77 38.28 3.90
CA SER A 326 -6.29 39.36 4.78
C SER A 326 -7.64 39.85 4.28
N LYS A 327 -7.79 40.00 2.96
CA LYS A 327 -9.05 40.44 2.31
C LYS A 327 -10.09 39.32 2.39
N LEU A 328 -9.68 38.06 2.17
CA LEU A 328 -10.55 36.86 2.32
C LEU A 328 -11.06 36.79 3.77
N ALA A 329 -10.18 37.03 4.75
CA ALA A 329 -10.46 36.98 6.19
C ALA A 329 -11.44 38.10 6.58
N LEU A 330 -11.13 39.35 6.20
CA LEU A 330 -11.91 40.56 6.59
C LEU A 330 -13.24 40.59 5.83
N ALA A 331 -13.42 39.73 4.82
CA ALA A 331 -14.70 39.54 4.09
C ALA A 331 -15.64 38.63 4.89
N MET A 332 -15.12 37.92 5.89
CA MET A 332 -15.87 36.95 6.72
C MET A 332 -15.96 37.45 8.16
N PRO A 333 -16.90 36.91 8.98
CA PRO A 333 -16.92 37.21 10.42
C PRO A 333 -15.65 36.74 11.12
N SER A 334 -15.33 37.35 12.27
CA SER A 334 -14.12 37.06 13.09
C SER A 334 -14.12 35.58 13.51
N SER A 335 -15.30 35.01 13.78
CA SER A 335 -15.51 33.62 14.27
C SER A 335 -15.24 32.58 13.17
N ALA A 336 -15.27 33.00 11.90
CA ALA A 336 -15.12 32.12 10.72
C ALA A 336 -13.85 31.26 10.84
N LEU A 337 -12.68 31.90 10.91
CA LEU A 337 -11.36 31.22 10.98
C LEU A 337 -11.23 30.48 12.33
N VAL A 338 -11.63 31.14 13.43
CA VAL A 338 -11.60 30.58 14.81
C VAL A 338 -12.24 29.19 14.80
N ASP A 339 -13.33 29.02 14.06
CA ASP A 339 -14.06 27.73 13.90
C ASP A 339 -13.18 26.75 13.10
N THR A 340 -12.85 27.10 11.86
CA THR A 340 -12.14 26.23 10.88
C THR A 340 -10.81 25.73 11.47
N TYR A 341 -10.03 26.62 12.08
CA TYR A 341 -8.75 26.31 12.75
C TYR A 341 -8.97 25.23 13.81
N SER A 342 -9.94 25.45 14.71
CA SER A 342 -10.30 24.52 15.82
C SER A 342 -10.72 23.16 15.27
N ARG A 343 -11.47 23.13 14.17
CA ARG A 343 -11.95 21.89 13.49
C ARG A 343 -10.76 21.03 13.07
N PHE A 344 -9.72 21.65 12.50
CA PHE A 344 -8.50 20.97 11.98
C PHE A 344 -7.56 20.58 13.13
N GLY A 345 -7.85 21.05 14.36
CA GLY A 345 -7.23 20.55 15.60
C GLY A 345 -6.17 21.48 16.17
N PHE A 346 -6.17 22.75 15.76
CA PHE A 346 -5.34 23.83 16.38
C PHE A 346 -5.78 24.02 17.83
N GLY A 347 -4.83 24.06 18.76
CA GLY A 347 -5.08 24.26 20.21
C GLY A 347 -5.86 23.11 20.83
N LYS A 348 -5.70 21.89 20.31
CA LYS A 348 -6.35 20.65 20.82
C LYS A 348 -5.28 19.60 21.12
N ALA A 349 -5.38 18.93 22.28
CA ALA A 349 -4.41 17.93 22.79
C ALA A 349 -4.18 16.84 21.72
N THR A 350 -2.91 16.50 21.48
CA THR A 350 -2.48 15.42 20.53
C THR A 350 -2.87 14.06 21.13
N ASN A 351 -2.85 13.95 22.47
CA ASN A 351 -3.44 12.85 23.25
C ASN A 351 -2.68 11.53 23.02
N LEU A 352 -1.37 11.61 22.82
CA LEU A 352 -0.43 10.47 23.05
C LEU A 352 0.02 10.52 24.51
N GLY A 353 0.53 9.42 25.06
CA GLY A 353 0.87 9.31 26.48
C GLY A 353 2.16 10.05 26.85
N LEU A 354 2.84 10.65 25.87
CA LEU A 354 4.25 11.12 26.01
C LEU A 354 4.30 12.29 26.98
N VAL A 355 5.36 12.34 27.79
CA VAL A 355 5.58 13.37 28.86
C VAL A 355 5.93 14.70 28.17
N GLY A 356 5.34 15.80 28.65
CA GLY A 356 5.62 17.17 28.15
C GLY A 356 4.79 17.53 26.93
N GLU A 357 4.03 16.58 26.37
CA GLU A 357 3.11 16.81 25.21
C GLU A 357 2.34 18.11 25.45
N SER A 358 2.46 19.07 24.53
CA SER A 358 1.80 20.40 24.62
C SER A 358 0.61 20.47 23.67
N SER A 359 -0.47 21.14 24.10
CA SER A 359 -1.72 21.35 23.33
C SER A 359 -1.64 22.67 22.55
N GLY A 360 -0.50 23.37 22.64
CA GLY A 360 -0.29 24.67 21.98
C GLY A 360 -1.09 25.78 22.66
N LEU A 361 -1.11 26.97 22.06
CA LEU A 361 -1.86 28.15 22.55
C LEU A 361 -2.93 28.53 21.52
N TYR A 362 -4.07 29.01 22.00
CA TYR A 362 -5.25 29.37 21.15
C TYR A 362 -6.02 30.51 21.79
N PRO A 363 -6.53 31.48 21.00
CA PRO A 363 -7.30 32.61 21.53
C PRO A 363 -8.61 32.19 22.22
N LYS A 364 -8.82 32.66 23.46
CA LYS A 364 -10.09 32.55 24.22
C LYS A 364 -10.79 33.91 24.20
N LYS A 365 -10.34 34.84 23.36
CA LYS A 365 -10.74 36.27 23.40
C LYS A 365 -12.16 36.44 22.87
N GLN A 366 -12.70 37.65 22.98
CA GLN A 366 -14.13 37.99 22.73
C GLN A 366 -14.23 39.08 21.65
N ARG A 367 -13.55 40.21 21.86
CA ARG A 367 -13.51 41.36 20.91
C ARG A 367 -12.32 41.19 19.94
N TRP A 368 -12.60 41.16 18.64
CA TRP A 368 -11.60 41.08 17.54
C TRP A 368 -11.55 42.41 16.79
N SER A 369 -10.41 43.11 16.81
CA SER A 369 -10.12 44.28 15.96
C SER A 369 -9.85 43.80 14.53
N ASP A 370 -10.00 44.68 13.54
CA ASP A 370 -9.80 44.36 12.10
C ASP A 370 -8.39 43.80 11.89
N ILE A 371 -7.38 44.45 12.49
CA ILE A 371 -5.94 44.05 12.39
C ILE A 371 -5.75 42.64 12.98
N GLU A 372 -6.42 42.34 14.09
CA GLU A 372 -6.32 41.03 14.81
C GLU A 372 -6.89 39.92 13.92
N ARG A 373 -8.00 40.19 13.21
CA ARG A 373 -8.66 39.25 12.26
C ARG A 373 -7.71 38.94 11.10
N ALA A 374 -6.91 39.93 10.68
CA ALA A 374 -5.96 39.85 9.55
C ALA A 374 -4.71 39.04 9.97
N THR A 375 -4.10 39.40 11.10
CA THR A 375 -2.88 38.73 11.66
C THR A 375 -3.18 37.27 11.97
N PHE A 376 -4.44 36.93 12.27
CA PHE A 376 -4.93 35.55 12.53
C PHE A 376 -4.91 34.75 11.23
N SER A 377 -5.15 35.42 10.09
CA SER A 377 -5.13 34.81 8.73
C SER A 377 -3.68 34.57 8.28
N PHE A 378 -2.73 35.36 8.78
CA PHE A 378 -1.27 35.22 8.52
C PHE A 378 -0.70 34.06 9.33
N GLY A 379 -1.42 33.64 10.39
CA GLY A 379 -1.07 32.50 11.25
C GLY A 379 -0.35 32.93 12.51
N TYR A 380 -0.75 34.07 13.09
CA TYR A 380 -0.22 34.62 14.36
C TYR A 380 -1.36 34.73 15.39
N GLY A 381 -1.01 34.73 16.68
CA GLY A 381 -1.96 34.80 17.80
C GLY A 381 -2.35 33.41 18.30
N LEU A 382 -1.66 32.37 17.82
CA LEU A 382 -1.83 30.96 18.27
C LEU A 382 -0.53 30.20 17.99
N MET A 383 -0.36 29.03 18.60
CA MET A 383 0.90 28.23 18.52
C MET A 383 0.57 26.73 18.47
N VAL A 384 1.45 25.93 17.86
CA VAL A 384 1.26 24.47 17.61
C VAL A 384 2.57 23.71 17.83
N THR A 385 2.47 22.45 18.26
CA THR A 385 3.57 21.45 18.20
C THR A 385 3.70 20.99 16.75
N PRO A 386 4.91 20.63 16.29
CA PRO A 386 5.07 19.97 14.98
C PRO A 386 4.07 18.83 14.75
N LEU A 387 3.74 18.07 15.81
CA LEU A 387 2.77 16.94 15.77
C LEU A 387 1.36 17.47 15.49
N GLN A 388 0.94 18.53 16.21
CA GLN A 388 -0.38 19.18 16.02
C GLN A 388 -0.55 19.58 14.55
N LEU A 389 0.48 20.18 13.95
CA LEU A 389 0.49 20.66 12.54
C LEU A 389 0.45 19.46 11.58
N ALA A 390 1.13 18.37 11.93
CA ALA A 390 1.13 17.11 11.14
C ALA A 390 -0.30 16.54 11.06
N ARG A 391 -1.05 16.62 12.16
CA ARG A 391 -2.46 16.17 12.25
C ARG A 391 -3.35 17.09 11.39
N VAL A 392 -3.07 18.39 11.39
CA VAL A 392 -3.80 19.40 10.55
C VAL A 392 -3.69 18.97 9.08
N TYR A 393 -2.47 18.73 8.61
CA TYR A 393 -2.16 18.39 7.19
C TYR A 393 -2.59 16.94 6.91
N ALA A 394 -2.68 16.09 7.94
CA ALA A 394 -3.29 14.74 7.86
C ALA A 394 -4.79 14.88 7.51
N THR A 395 -5.46 15.86 8.09
CA THR A 395 -6.90 16.16 7.87
C THR A 395 -7.10 16.75 6.46
N ILE A 396 -6.09 17.43 5.92
CA ILE A 396 -6.09 18.00 4.54
C ILE A 396 -5.94 16.85 3.52
N GLY A 397 -5.02 15.92 3.77
CA GLY A 397 -4.77 14.75 2.90
C GLY A 397 -5.97 13.82 2.83
N SER A 398 -6.70 13.69 3.94
CA SER A 398 -7.92 12.84 4.07
C SER A 398 -9.13 13.52 3.42
N MET A 399 -8.98 14.77 2.98
CA MET A 399 -10.04 15.61 2.35
C MET A 399 -11.12 15.92 3.40
N GLY A 400 -10.70 16.49 4.53
CA GLY A 400 -11.58 17.04 5.58
C GLY A 400 -12.10 15.98 6.53
N VAL A 401 -11.32 14.94 6.80
CA VAL A 401 -11.66 13.84 7.76
C VAL A 401 -10.64 13.88 8.91
N TYR A 402 -11.07 14.35 10.08
CA TYR A 402 -10.22 14.55 11.29
C TYR A 402 -10.18 13.25 12.11
N ARG A 403 -9.08 12.51 12.00
CA ARG A 403 -8.83 11.25 12.75
C ARG A 403 -7.87 11.52 13.91
N PRO A 404 -8.01 10.80 15.05
CA PRO A 404 -7.07 10.96 16.16
C PRO A 404 -5.71 10.31 15.84
N LEU A 405 -4.64 10.84 16.45
CA LEU A 405 -3.26 10.33 16.30
C LEU A 405 -3.10 9.04 17.11
N SER A 406 -2.30 8.09 16.60
CA SER A 406 -1.96 6.81 17.26
C SER A 406 -0.44 6.56 17.15
N ILE A 407 0.20 6.25 18.28
CA ILE A 407 1.63 5.84 18.36
C ILE A 407 1.72 4.31 18.31
N THR A 408 0.60 3.61 18.60
CA THR A 408 0.45 2.14 18.47
C THR A 408 -0.04 1.80 17.06
N ARG A 409 0.33 0.62 16.54
CA ARG A 409 -0.21 0.08 15.26
C ARG A 409 -1.71 -0.18 15.44
N VAL A 410 -2.50 0.09 14.39
CA VAL A 410 -3.99 -0.05 14.41
C VAL A 410 -4.44 -0.71 13.10
N ASP A 411 -5.47 -1.55 13.20
CA ASP A 411 -6.06 -2.30 12.06
C ASP A 411 -7.13 -1.43 11.40
N PRO A 412 -7.02 -1.13 10.08
CA PRO A 412 -8.00 -0.30 9.40
C PRO A 412 -9.32 -1.04 9.16
N PRO A 413 -10.44 -0.33 8.89
CA PRO A 413 -10.45 1.13 8.76
C PRO A 413 -10.48 1.84 10.13
N VAL A 414 -9.85 3.01 10.21
CA VAL A 414 -9.85 3.89 11.43
C VAL A 414 -11.02 4.88 11.28
N ALA A 415 -11.89 4.93 12.29
CA ALA A 415 -13.08 5.82 12.35
C ALA A 415 -12.61 7.27 12.38
N GLY A 416 -13.15 8.10 11.47
CA GLY A 416 -12.82 9.53 11.33
C GLY A 416 -14.06 10.39 11.36
N GLU A 417 -13.96 11.59 11.94
CA GLU A 417 -15.03 12.63 11.96
C GLU A 417 -14.78 13.63 10.83
N ARG A 418 -15.75 13.82 9.94
CA ARG A 418 -15.68 14.81 8.82
C ARG A 418 -15.96 16.21 9.38
N ILE A 419 -15.05 17.16 9.12
CA ILE A 419 -15.09 18.55 9.65
C ILE A 419 -15.30 19.56 8.50
N PHE A 420 -15.08 19.14 7.24
CA PHE A 420 -15.28 19.97 6.03
C PHE A 420 -15.79 19.11 4.88
N PRO A 421 -16.59 19.66 3.95
CA PRO A 421 -17.01 18.94 2.75
C PRO A 421 -15.84 18.41 1.91
N GLU A 422 -15.97 17.19 1.39
CA GLU A 422 -14.92 16.44 0.65
C GLU A 422 -14.54 17.21 -0.63
N PRO A 423 -15.50 17.64 -1.48
CA PRO A 423 -15.16 18.27 -2.75
C PRO A 423 -14.52 19.66 -2.59
N LEU A 424 -14.83 20.33 -1.48
CA LEU A 424 -14.35 21.70 -1.15
C LEU A 424 -12.85 21.66 -0.82
N VAL A 425 -12.44 20.71 0.03
CA VAL A 425 -11.02 20.55 0.48
C VAL A 425 -10.16 20.11 -0.71
N ARG A 426 -10.68 19.24 -1.58
CA ARG A 426 -9.93 18.62 -2.70
C ARG A 426 -9.41 19.69 -3.65
N THR A 427 -10.23 20.71 -3.94
CA THR A 427 -9.87 21.85 -4.85
C THR A 427 -8.71 22.64 -4.23
N VAL A 428 -8.73 22.85 -2.91
CA VAL A 428 -7.69 23.61 -2.15
C VAL A 428 -6.37 22.82 -2.21
N VAL A 429 -6.45 21.49 -2.11
CA VAL A 429 -5.27 20.56 -2.24
C VAL A 429 -4.67 20.73 -3.65
N HIS A 430 -5.51 20.88 -4.67
CA HIS A 430 -5.09 21.09 -6.08
C HIS A 430 -4.41 22.46 -6.22
N MET A 431 -4.92 23.48 -5.54
CA MET A 431 -4.35 24.86 -5.53
C MET A 431 -2.96 24.82 -4.90
N MET A 432 -2.78 23.97 -3.88
CA MET A 432 -1.54 23.86 -3.06
C MET A 432 -0.39 23.26 -3.88
N GLU A 433 -0.69 22.60 -5.01
CA GLU A 433 0.33 21.99 -5.90
C GLU A 433 1.15 23.11 -6.59
N SER A 434 0.54 24.29 -6.78
CA SER A 434 1.15 25.48 -7.44
C SER A 434 2.33 26.00 -6.63
N VAL A 435 2.35 25.75 -5.31
CA VAL A 435 3.46 26.13 -4.38
C VAL A 435 4.68 25.26 -4.71
N ALA A 436 4.46 23.98 -5.00
CA ALA A 436 5.48 22.99 -5.41
C ALA A 436 5.93 23.26 -6.85
N LEU A 437 5.04 23.83 -7.68
CA LEU A 437 5.27 24.09 -9.13
C LEU A 437 5.91 25.46 -9.33
N PRO A 438 6.43 25.76 -10.54
CA PRO A 438 7.17 27.01 -10.79
C PRO A 438 6.37 28.28 -10.47
N GLY A 439 7.06 29.29 -9.92
CA GLY A 439 6.45 30.56 -9.45
C GLY A 439 6.13 30.53 -7.97
N GLY A 440 5.93 29.32 -7.41
CA GLY A 440 5.65 29.10 -5.99
C GLY A 440 6.89 29.31 -5.14
N GLY A 441 6.73 29.32 -3.82
CA GLY A 441 7.82 29.50 -2.84
C GLY A 441 8.39 28.18 -2.35
N GLY A 442 7.93 27.05 -2.90
CA GLY A 442 8.32 25.70 -2.46
C GLY A 442 8.71 24.79 -3.63
N THR A 443 9.43 25.33 -4.62
CA THR A 443 9.84 24.60 -5.85
C THR A 443 10.97 23.61 -5.54
N LYS A 444 11.79 23.90 -4.53
CA LYS A 444 12.97 23.07 -4.13
C LYS A 444 12.48 21.77 -3.47
N ALA A 445 11.24 21.78 -2.96
CA ALA A 445 10.58 20.63 -2.30
C ALA A 445 9.98 19.67 -3.34
N ALA A 446 9.92 20.08 -4.61
CA ALA A 446 9.33 19.30 -5.72
C ALA A 446 9.98 17.92 -5.81
N ILE A 447 9.15 16.86 -5.88
CA ILE A 447 9.57 15.45 -6.09
C ILE A 447 9.52 15.18 -7.59
N LYS A 448 10.43 14.34 -8.10
CA LYS A 448 10.46 13.92 -9.53
C LYS A 448 9.44 12.79 -9.73
N GLY A 449 8.39 13.04 -10.53
CA GLY A 449 7.35 12.05 -10.88
C GLY A 449 6.11 12.16 -10.03
N TYR A 450 6.22 12.72 -8.81
CA TYR A 450 5.11 12.84 -7.83
C TYR A 450 4.61 14.29 -7.76
N ARG A 451 3.30 14.48 -7.93
CA ARG A 451 2.60 15.74 -7.56
C ARG A 451 2.53 15.80 -6.03
N ILE A 452 2.88 16.95 -5.43
CA ILE A 452 2.89 17.19 -3.96
C ILE A 452 2.13 18.48 -3.65
N ALA A 453 1.39 18.49 -2.53
CA ALA A 453 0.62 19.65 -2.02
C ALA A 453 1.25 20.11 -0.70
N ILE A 454 2.07 21.16 -0.74
CA ILE A 454 2.89 21.63 0.41
C ILE A 454 2.54 23.08 0.75
N LYS A 455 3.16 23.62 1.80
CA LYS A 455 3.02 25.04 2.21
C LYS A 455 4.17 25.40 3.16
N THR A 456 5.14 26.18 2.67
CA THR A 456 6.30 26.70 3.47
C THR A 456 5.81 27.82 4.38
N GLY A 457 6.49 28.02 5.52
CA GLY A 457 6.19 29.06 6.50
C GLY A 457 7.41 29.43 7.32
N THR A 458 7.28 30.42 8.21
CA THR A 458 8.38 30.96 9.05
C THR A 458 7.82 31.54 10.35
N ALA A 459 8.56 31.38 11.45
CA ALA A 459 8.29 31.97 12.78
C ALA A 459 9.61 32.49 13.36
N LYS A 460 9.56 33.28 14.44
CA LYS A 460 10.75 33.99 15.00
C LYS A 460 11.02 33.61 16.46
N LYS A 461 10.07 32.96 17.13
CA LYS A 461 10.26 32.44 18.52
C LYS A 461 9.64 31.04 18.60
N VAL A 462 10.30 30.14 19.36
CA VAL A 462 9.90 28.72 19.49
C VAL A 462 10.46 28.18 20.81
N GLY A 463 9.61 27.56 21.63
CA GLY A 463 10.00 26.88 22.87
C GLY A 463 8.81 26.27 23.59
N PRO A 464 9.03 25.56 24.72
CA PRO A 464 7.93 25.10 25.57
C PRO A 464 7.20 26.30 26.19
N ASP A 465 5.91 26.13 26.50
CA ASP A 465 4.99 27.22 26.96
C ASP A 465 5.67 28.01 28.08
N GLY A 466 5.93 29.30 27.85
CA GLY A 466 6.57 30.21 28.82
C GLY A 466 8.09 30.22 28.73
N LYS A 467 8.68 29.52 27.74
CA LYS A 467 10.15 29.40 27.58
C LYS A 467 10.54 29.60 26.11
N TYR A 468 9.87 30.51 25.39
CA TYR A 468 10.12 30.75 23.95
C TYR A 468 11.47 31.45 23.78
N MET A 469 12.28 30.96 22.84
CA MET A 469 13.60 31.54 22.46
C MET A 469 13.49 32.09 21.03
N ASP A 470 13.96 33.32 20.81
CA ASP A 470 13.87 34.03 19.51
C ASP A 470 14.86 33.40 18.52
N ARG A 471 14.36 32.55 17.62
CA ARG A 471 15.15 31.80 16.61
C ARG A 471 14.48 31.92 15.23
N TYR A 472 15.26 31.88 14.16
CA TYR A 472 14.73 31.86 12.76
C TYR A 472 14.21 30.45 12.48
N LEU A 473 12.93 30.20 12.79
CA LEU A 473 12.28 28.87 12.59
C LEU A 473 11.72 28.79 11.18
N ALA A 474 12.31 27.93 10.34
CA ALA A 474 11.87 27.61 8.97
C ALA A 474 11.25 26.21 8.95
N TYR A 475 10.12 26.03 8.28
CA TYR A 475 9.36 24.75 8.26
C TYR A 475 8.54 24.62 6.98
N THR A 476 8.20 23.38 6.62
CA THR A 476 7.39 23.00 5.44
C THR A 476 6.40 21.91 5.85
N ALA A 477 5.11 22.26 5.97
CA ALA A 477 3.98 21.32 6.13
C ALA A 477 3.45 20.97 4.74
N GLY A 478 3.21 19.69 4.47
CA GLY A 478 2.74 19.23 3.16
C GLY A 478 2.11 17.85 3.20
N VAL A 479 1.61 17.41 2.05
CA VAL A 479 0.82 16.14 1.87
C VAL A 479 1.15 15.59 0.48
N ALA A 480 1.29 14.27 0.35
CA ALA A 480 1.65 13.59 -0.92
C ALA A 480 1.07 12.16 -0.95
N PRO A 481 0.86 11.56 -2.14
CA PRO A 481 0.95 12.27 -3.43
C PRO A 481 -0.33 13.08 -3.65
N ALA A 482 -0.25 14.19 -4.39
CA ALA A 482 -1.36 15.15 -4.58
C ALA A 482 -2.59 14.43 -5.16
N SER A 483 -2.40 13.58 -6.19
CA SER A 483 -3.49 12.84 -6.89
C SER A 483 -4.37 12.10 -5.88
N ASN A 484 -3.75 11.32 -4.99
CA ASN A 484 -4.45 10.57 -3.90
C ASN A 484 -3.54 10.51 -2.68
N PRO A 485 -3.59 11.52 -1.77
CA PRO A 485 -2.67 11.59 -0.63
C PRO A 485 -2.67 10.33 0.26
N ARG A 486 -1.48 9.93 0.71
CA ARG A 486 -1.25 8.79 1.64
C ARG A 486 -0.55 9.27 2.92
N PHE A 487 0.30 10.29 2.82
CA PHE A 487 1.14 10.78 3.95
C PHE A 487 1.01 12.30 4.12
N ALA A 488 1.02 12.73 5.38
CA ALA A 488 1.21 14.13 5.83
C ALA A 488 2.59 14.24 6.49
N LEU A 489 3.41 15.19 6.05
CA LEU A 489 4.78 15.42 6.57
C LEU A 489 4.92 16.88 7.04
N VAL A 490 5.57 17.07 8.19
CA VAL A 490 5.97 18.40 8.74
C VAL A 490 7.47 18.36 9.06
N VAL A 491 8.27 19.11 8.31
CA VAL A 491 9.72 19.31 8.58
C VAL A 491 9.91 20.71 9.18
N VAL A 492 10.77 20.83 10.20
CA VAL A 492 11.09 22.11 10.91
C VAL A 492 12.61 22.20 11.07
N ILE A 493 13.26 23.18 10.45
CA ILE A 493 14.70 23.50 10.66
C ILE A 493 14.78 24.74 11.56
N ASN A 494 15.50 24.65 12.68
CA ASN A 494 15.49 25.67 13.76
C ASN A 494 16.79 26.49 13.74
N ASP A 495 16.68 27.78 13.40
CA ASP A 495 17.74 28.80 13.47
C ASP A 495 18.93 28.39 12.60
N PRO A 496 18.72 28.17 11.27
CA PRO A 496 19.82 27.82 10.38
C PRO A 496 20.77 29.00 10.14
N GLN A 497 21.96 28.94 10.74
CA GLN A 497 23.02 29.97 10.64
C GLN A 497 23.82 29.76 9.34
N ALA A 498 23.18 29.92 8.18
CA ALA A 498 23.76 29.64 6.85
C ALA A 498 23.84 30.92 6.02
N GLY A 499 24.64 30.89 4.95
CA GLY A 499 24.82 31.99 3.98
C GLY A 499 24.60 31.53 2.55
N LYS A 500 25.52 31.89 1.65
CA LYS A 500 25.51 31.50 0.21
C LYS A 500 24.21 31.99 -0.45
N GLY A 504 12.12 29.17 5.19
CA GLY A 504 11.27 28.38 4.28
C GLY A 504 12.07 27.66 3.21
N ALA A 505 12.96 28.39 2.51
CA ALA A 505 13.81 27.90 1.39
C ALA A 505 14.85 26.90 1.90
N VAL A 506 15.16 26.93 3.20
CA VAL A 506 16.10 25.99 3.89
C VAL A 506 15.41 24.63 4.09
N SER A 507 14.11 24.64 4.44
CA SER A 507 13.32 23.44 4.84
C SER A 507 12.64 22.79 3.63
N ALA A 508 12.42 23.55 2.54
CA ALA A 508 11.78 23.06 1.30
C ALA A 508 12.50 21.81 0.80
N PRO A 509 13.85 21.83 0.63
CA PRO A 509 14.59 20.65 0.16
C PRO A 509 14.51 19.43 1.07
N VAL A 510 14.52 19.62 2.39
CA VAL A 510 14.50 18.51 3.39
C VAL A 510 13.20 17.73 3.21
N PHE A 511 12.06 18.44 3.17
CA PHE A 511 10.71 17.88 2.87
C PHE A 511 10.80 17.03 1.59
N GLY A 512 11.45 17.58 0.56
CA GLY A 512 11.69 16.91 -0.74
C GLY A 512 12.31 15.54 -0.55
N ALA A 513 13.55 15.51 -0.06
CA ALA A 513 14.35 14.27 0.16
C ALA A 513 13.54 13.29 1.01
N ILE A 514 13.01 13.75 2.14
CA ILE A 514 12.23 12.91 3.11
C ILE A 514 11.01 12.32 2.39
N MET A 515 10.08 13.18 1.96
CA MET A 515 8.79 12.76 1.36
C MET A 515 9.05 11.87 0.13
N GLY A 516 9.97 12.29 -0.74
CA GLY A 516 10.40 11.53 -1.92
C GLY A 516 10.84 10.12 -1.55
N GLY A 517 11.72 10.01 -0.55
CA GLY A 517 12.23 8.73 -0.01
C GLY A 517 11.11 7.85 0.51
N VAL A 518 10.17 8.43 1.29
CA VAL A 518 9.00 7.71 1.88
C VAL A 518 8.14 7.15 0.74
N LEU A 519 7.90 7.97 -0.30
CA LEU A 519 7.00 7.63 -1.44
C LEU A 519 7.56 6.44 -2.23
N ARG A 520 8.86 6.47 -2.57
CA ARG A 520 9.54 5.42 -3.37
C ARG A 520 9.69 4.14 -2.54
N THR A 521 9.93 4.28 -1.23
CA THR A 521 10.14 3.16 -0.27
C THR A 521 8.86 2.31 -0.15
N MET A 522 7.69 2.96 -0.14
CA MET A 522 6.36 2.30 0.02
C MET A 522 5.77 1.93 -1.34
N ASN A 523 6.57 2.05 -2.41
CA ASN A 523 6.25 1.58 -3.79
C ASN A 523 4.96 2.27 -4.28
N ILE A 524 4.84 3.58 -4.07
CA ILE A 524 3.75 4.43 -4.62
C ILE A 524 4.10 4.77 -6.08
N GLU A 525 3.09 4.87 -6.95
CA GLU A 525 3.27 5.18 -8.39
C GLU A 525 3.38 6.69 -8.58
N PRO A 526 4.37 7.17 -9.37
CA PRO A 526 4.42 8.58 -9.79
C PRO A 526 3.11 9.02 -10.48
N ASP A 527 2.61 10.21 -10.12
CA ASP A 527 1.31 10.75 -10.61
C ASP A 527 1.55 12.04 -11.40
N ALA A 528 2.79 12.28 -11.86
CA ALA A 528 3.15 13.42 -12.73
C ALA A 528 2.39 13.31 -14.06
N LEU A 529 2.17 14.44 -14.74
CA LEU A 529 1.35 14.53 -15.98
C LEU A 529 2.11 13.84 -17.11
N PRO A 530 1.42 13.32 -18.16
CA PRO A 530 2.04 12.50 -19.20
C PRO A 530 3.57 12.60 -19.31
N ALA B 31 -30.09 4.12 -20.25
CA ALA B 31 -28.84 3.94 -21.06
C ALA B 31 -28.00 2.80 -20.49
N ARG B 32 -26.91 2.43 -21.18
CA ARG B 32 -25.98 1.36 -20.77
C ARG B 32 -24.73 1.99 -20.14
N GLY B 33 -24.52 1.76 -18.85
CA GLY B 33 -23.42 2.32 -18.04
C GLY B 33 -22.06 2.03 -18.65
N MET B 34 -21.10 2.95 -18.49
CA MET B 34 -19.72 2.85 -19.04
C MET B 34 -18.85 2.04 -18.08
N ILE B 35 -18.02 1.15 -18.62
CA ILE B 35 -16.97 0.38 -17.88
C ILE B 35 -15.61 0.92 -18.29
N SER B 36 -14.82 1.39 -17.31
CA SER B 36 -13.47 1.96 -17.50
C SER B 36 -12.50 1.33 -16.48
N ASP B 37 -11.18 1.46 -16.72
CA ASP B 37 -10.12 0.89 -15.86
C ASP B 37 -9.86 1.85 -14.69
N ARG B 38 -8.91 1.51 -13.82
CA ARG B 38 -8.60 2.25 -12.56
C ARG B 38 -8.18 3.70 -12.89
N SER B 39 -7.41 3.88 -13.97
CA SER B 39 -6.86 5.18 -14.44
C SER B 39 -7.99 6.07 -14.99
N GLY B 40 -8.89 5.49 -15.79
CA GLY B 40 -10.01 6.20 -16.44
C GLY B 40 -10.21 5.79 -17.88
N ARG B 41 -9.17 5.23 -18.53
CA ARG B 41 -9.20 4.74 -19.93
C ARG B 41 -10.44 3.87 -20.14
N PRO B 42 -11.14 4.02 -21.30
CA PRO B 42 -12.42 3.33 -21.51
C PRO B 42 -12.24 1.87 -21.93
N LEU B 43 -13.14 0.98 -21.47
CA LEU B 43 -13.09 -0.48 -21.70
C LEU B 43 -14.36 -0.96 -22.42
N ALA B 44 -15.52 -0.40 -22.06
CA ALA B 44 -16.82 -0.67 -22.71
C ALA B 44 -17.64 0.62 -22.79
N VAL B 45 -18.11 0.97 -24.00
CA VAL B 45 -18.97 2.17 -24.28
C VAL B 45 -20.19 1.71 -25.09
N SER B 46 -21.23 2.55 -25.12
CA SER B 46 -22.53 2.30 -25.81
C SER B 46 -22.66 3.25 -27.01
N VAL B 47 -22.52 2.72 -28.22
CA VAL B 47 -22.69 3.46 -29.50
C VAL B 47 -24.18 3.48 -29.83
N PRO B 48 -24.77 4.65 -30.19
CA PRO B 48 -26.14 4.69 -30.69
C PRO B 48 -26.20 4.16 -32.13
N VAL B 49 -27.05 3.14 -32.37
CA VAL B 49 -27.30 2.56 -33.72
C VAL B 49 -28.80 2.24 -33.85
N ASN B 50 -29.29 2.15 -35.08
CA ASN B 50 -30.73 1.93 -35.40
C ASN B 50 -30.98 0.43 -35.61
N ALA B 51 -32.20 -0.01 -35.30
CA ALA B 51 -32.80 -1.30 -35.73
C ALA B 51 -33.74 -1.03 -36.90
N VAL B 52 -34.02 -2.06 -37.70
CA VAL B 52 -34.92 -1.98 -38.90
C VAL B 52 -35.95 -3.10 -38.78
N TRP B 53 -37.20 -2.76 -38.44
CA TRP B 53 -38.32 -3.72 -38.27
C TRP B 53 -39.48 -3.34 -39.19
N ALA B 54 -40.19 -4.35 -39.70
CA ALA B 54 -41.36 -4.21 -40.61
C ALA B 54 -42.57 -4.92 -39.99
N ASP B 55 -43.76 -4.33 -40.14
CA ASP B 55 -45.07 -4.89 -39.72
C ASP B 55 -45.49 -5.93 -40.76
N PRO B 56 -45.36 -7.25 -40.49
CA PRO B 56 -45.50 -8.27 -41.53
C PRO B 56 -46.93 -8.38 -42.09
N LYS B 57 -47.95 -8.21 -41.26
CA LYS B 57 -49.38 -8.22 -41.68
C LYS B 57 -49.59 -7.10 -42.72
N GLU B 58 -49.39 -5.84 -42.32
CA GLU B 58 -49.64 -4.62 -43.15
C GLU B 58 -49.03 -4.79 -44.54
N LEU B 59 -47.87 -5.44 -44.64
CA LEU B 59 -47.17 -5.70 -45.94
C LEU B 59 -47.91 -6.79 -46.71
N ILE B 60 -48.30 -7.88 -46.04
CA ILE B 60 -49.00 -9.07 -46.63
C ILE B 60 -50.38 -8.63 -47.17
N GLU B 61 -50.99 -7.62 -46.53
CA GLU B 61 -52.33 -7.08 -46.90
C GLU B 61 -52.33 -6.60 -48.36
N GLN B 62 -51.20 -6.05 -48.84
CA GLN B 62 -51.07 -5.38 -50.16
C GLN B 62 -50.12 -6.17 -51.07
N GLY B 63 -50.17 -7.51 -51.00
CA GLY B 63 -49.43 -8.42 -51.90
C GLY B 63 -47.98 -8.59 -51.51
N GLY B 64 -47.67 -8.51 -50.22
CA GLY B 64 -46.30 -8.62 -49.68
C GLY B 64 -45.37 -7.56 -50.24
N ILE B 65 -44.22 -7.98 -50.78
CA ILE B 65 -43.17 -7.08 -51.37
C ILE B 65 -43.56 -6.75 -52.82
N SER B 66 -43.71 -5.46 -53.12
CA SER B 66 -44.07 -4.93 -54.46
C SER B 66 -42.82 -4.89 -55.36
N LEU B 67 -42.98 -4.41 -56.60
CA LEU B 67 -41.90 -4.33 -57.62
C LEU B 67 -41.14 -3.01 -57.48
N ASP B 68 -41.62 -2.10 -56.61
CA ASP B 68 -41.00 -0.78 -56.30
C ASP B 68 -39.49 -0.98 -56.07
N THR B 69 -38.67 -0.14 -56.71
CA THR B 69 -37.19 -0.18 -56.65
C THR B 69 -36.71 0.01 -55.20
N ARG B 70 -37.45 0.81 -54.42
CA ARG B 70 -37.09 1.21 -53.03
C ARG B 70 -37.05 -0.01 -52.10
N TRP B 71 -37.64 -1.14 -52.52
CA TRP B 71 -37.49 -2.47 -51.86
C TRP B 71 -36.06 -3.00 -52.09
N LYS B 72 -35.60 -2.98 -53.34
CA LYS B 72 -34.23 -3.42 -53.73
C LYS B 72 -33.18 -2.50 -53.08
N ALA B 73 -33.51 -1.21 -52.91
CA ALA B 73 -32.67 -0.20 -52.24
C ALA B 73 -32.42 -0.62 -50.78
N LEU B 74 -33.49 -0.98 -50.06
CA LEU B 74 -33.45 -1.49 -48.66
C LEU B 74 -32.62 -2.78 -48.62
N SER B 75 -32.90 -3.72 -49.53
CA SER B 75 -32.16 -5.00 -49.70
C SER B 75 -30.65 -4.72 -49.74
N ASP B 76 -30.22 -3.83 -50.64
CA ASP B 76 -28.78 -3.49 -50.87
C ASP B 76 -28.23 -2.75 -49.64
N ALA B 77 -29.05 -1.91 -49.00
CA ALA B 77 -28.67 -1.06 -47.85
C ALA B 77 -28.34 -1.91 -46.62
N LEU B 78 -29.07 -3.02 -46.43
CA LEU B 78 -28.87 -3.98 -45.30
C LEU B 78 -27.91 -5.10 -45.71
N GLU B 79 -27.29 -4.98 -46.89
CA GLU B 79 -26.38 -5.99 -47.49
C GLU B 79 -27.03 -7.38 -47.36
N ILE B 80 -28.27 -7.50 -47.84
CA ILE B 80 -29.15 -8.70 -47.76
C ILE B 80 -29.62 -9.05 -49.17
N PRO B 81 -29.83 -10.35 -49.51
CA PRO B 81 -30.48 -10.70 -50.78
C PRO B 81 -31.97 -10.34 -50.76
N LEU B 82 -32.46 -9.72 -51.84
CA LEU B 82 -33.85 -9.22 -52.00
C LEU B 82 -34.84 -10.28 -51.50
N ASP B 83 -34.59 -11.56 -51.83
CA ASP B 83 -35.49 -12.71 -51.55
C ASP B 83 -35.74 -12.85 -50.04
N GLN B 84 -34.78 -12.46 -49.19
CA GLN B 84 -34.86 -12.59 -47.71
C GLN B 84 -36.01 -11.73 -47.18
N LEU B 85 -36.17 -10.50 -47.70
CA LEU B 85 -37.19 -9.53 -47.26
C LEU B 85 -38.59 -10.17 -47.34
N ALA B 86 -38.83 -11.00 -48.35
CA ALA B 86 -40.07 -11.80 -48.53
C ALA B 86 -40.16 -12.87 -47.42
N THR B 87 -39.04 -13.56 -47.15
CA THR B 87 -38.94 -14.68 -46.18
C THR B 87 -39.31 -14.21 -44.77
N ARG B 88 -38.78 -13.06 -44.34
CA ARG B 88 -38.86 -12.56 -42.94
C ARG B 88 -40.31 -12.22 -42.57
N ILE B 89 -41.06 -11.62 -43.50
CA ILE B 89 -42.48 -11.18 -43.29
C ILE B 89 -43.44 -12.35 -43.57
N ASN B 90 -42.97 -13.42 -44.23
CA ASN B 90 -43.75 -14.66 -44.50
C ASN B 90 -43.62 -15.62 -43.30
N ALA B 91 -42.64 -15.38 -42.42
CA ALA B 91 -42.38 -16.18 -41.19
C ALA B 91 -43.64 -16.19 -40.31
N ASN B 92 -44.27 -15.02 -40.14
CA ASN B 92 -45.54 -14.84 -39.38
C ASN B 92 -46.37 -13.78 -40.09
N PRO B 93 -47.24 -14.16 -41.06
CA PRO B 93 -48.05 -13.20 -41.81
C PRO B 93 -49.16 -12.52 -40.99
N LYS B 94 -49.51 -13.08 -39.83
CA LYS B 94 -50.58 -12.57 -38.93
C LYS B 94 -49.97 -11.71 -37.81
N GLY B 95 -48.64 -11.73 -37.66
CA GLY B 95 -47.91 -10.92 -36.66
C GLY B 95 -47.93 -9.44 -37.02
N ARG B 96 -47.36 -8.59 -36.15
CA ARG B 96 -47.30 -7.11 -36.37
C ARG B 96 -45.91 -6.54 -36.06
N PHE B 97 -44.92 -7.40 -35.77
CA PHE B 97 -43.53 -6.98 -35.52
C PHE B 97 -42.55 -8.08 -35.95
N VAL B 98 -41.50 -7.69 -36.67
CA VAL B 98 -40.39 -8.57 -37.11
C VAL B 98 -39.14 -7.71 -37.33
N TYR B 99 -37.96 -8.26 -37.06
CA TYR B 99 -36.64 -7.64 -37.37
C TYR B 99 -36.21 -8.06 -38.78
N LEU B 100 -35.75 -7.10 -39.59
CA LEU B 100 -35.13 -7.34 -40.92
C LEU B 100 -33.61 -7.42 -40.72
N ALA B 101 -33.05 -6.42 -40.03
CA ALA B 101 -31.65 -6.37 -39.56
C ALA B 101 -31.57 -5.47 -38.32
N ARG B 102 -30.56 -5.67 -37.48
CA ARG B 102 -30.32 -4.91 -36.24
C ARG B 102 -28.87 -4.42 -36.22
N GLN B 103 -28.48 -3.71 -35.15
CA GLN B 103 -27.07 -3.35 -34.86
C GLN B 103 -26.48 -2.59 -36.06
N VAL B 104 -27.30 -1.84 -36.80
CA VAL B 104 -26.92 -1.25 -38.12
C VAL B 104 -26.70 0.26 -37.96
N ASN B 105 -25.64 0.76 -38.61
CA ASN B 105 -25.16 2.17 -38.62
C ASN B 105 -26.36 3.10 -38.86
N PRO B 106 -26.58 4.13 -38.01
CA PRO B 106 -27.69 5.07 -38.22
C PRO B 106 -27.50 6.02 -39.41
N ALA B 107 -26.30 6.04 -40.02
CA ALA B 107 -26.01 6.74 -41.29
C ALA B 107 -26.84 6.12 -42.42
N ILE B 108 -26.75 4.80 -42.60
CA ILE B 108 -27.56 4.02 -43.58
C ILE B 108 -28.98 3.88 -43.02
N GLY B 109 -29.12 3.93 -41.68
CA GLY B 109 -30.41 3.98 -40.98
C GLY B 109 -31.28 5.12 -41.47
N ASP B 110 -30.67 6.29 -41.73
CA ASP B 110 -31.36 7.50 -42.24
C ASP B 110 -31.71 7.33 -43.72
N TYR B 111 -30.84 6.66 -44.49
CA TYR B 111 -31.05 6.33 -45.94
C TYR B 111 -32.34 5.51 -46.09
N ILE B 112 -32.56 4.55 -45.19
CA ILE B 112 -33.77 3.68 -45.14
C ILE B 112 -35.00 4.55 -44.87
N ARG B 113 -34.92 5.42 -43.84
CA ARG B 113 -36.01 6.34 -43.43
C ARG B 113 -36.54 7.11 -44.66
N LYS B 114 -35.63 7.66 -45.46
CA LYS B 114 -35.94 8.63 -46.54
C LYS B 114 -36.22 7.90 -47.86
N LEU B 115 -36.43 6.58 -47.82
CA LEU B 115 -37.10 5.80 -48.90
C LEU B 115 -38.61 5.83 -48.64
N LYS B 116 -39.01 5.71 -47.36
CA LYS B 116 -40.40 5.87 -46.87
C LYS B 116 -41.26 4.70 -47.36
N LEU B 117 -40.78 3.47 -47.21
CA LEU B 117 -41.53 2.22 -47.55
C LEU B 117 -42.72 2.10 -46.60
N PRO B 118 -43.83 1.48 -47.03
CA PRO B 118 -44.98 1.23 -46.14
C PRO B 118 -44.68 0.10 -45.16
N GLY B 119 -45.11 0.26 -43.90
CA GLY B 119 -44.94 -0.74 -42.82
C GLY B 119 -43.48 -1.07 -42.56
N ILE B 120 -42.60 -0.05 -42.58
CA ILE B 120 -41.17 -0.15 -42.16
C ILE B 120 -40.90 0.97 -41.16
N HIS B 121 -40.17 0.67 -40.08
CA HIS B 121 -39.88 1.59 -38.96
C HIS B 121 -38.44 1.40 -38.46
N LEU B 122 -37.83 2.46 -37.93
CA LEU B 122 -36.49 2.46 -37.29
C LEU B 122 -36.67 2.60 -35.78
N ARG B 123 -35.87 1.86 -35.00
CA ARG B 123 -35.87 1.89 -33.51
C ARG B 123 -34.48 2.31 -33.02
N GLN B 124 -34.42 3.00 -31.88
CA GLN B 124 -33.15 3.38 -31.20
C GLN B 124 -32.61 2.15 -30.45
N GLU B 125 -31.43 1.67 -30.84
CA GLU B 125 -30.71 0.54 -30.18
C GLU B 125 -29.34 1.02 -29.69
N SER B 126 -28.69 0.22 -28.85
CA SER B 126 -27.33 0.47 -28.28
C SER B 126 -26.40 -0.70 -28.64
N ARG B 127 -25.50 -0.48 -29.60
CA ARG B 127 -24.35 -1.39 -29.89
C ARG B 127 -23.27 -1.12 -28.83
N ARG B 128 -22.59 -2.17 -28.37
CA ARG B 128 -21.53 -2.07 -27.33
C ARG B 128 -20.17 -2.26 -28.00
N TYR B 129 -19.32 -1.22 -27.98
CA TYR B 129 -17.95 -1.21 -28.52
C TYR B 129 -16.95 -1.49 -27.39
N TYR B 130 -15.95 -2.33 -27.67
CA TYR B 130 -14.86 -2.71 -26.73
C TYR B 130 -13.53 -2.25 -27.32
N PRO B 131 -13.02 -1.05 -26.93
CA PRO B 131 -11.77 -0.51 -27.47
C PRO B 131 -10.57 -1.42 -27.17
N ALA B 132 -10.55 -1.98 -25.95
CA ALA B 132 -9.54 -2.96 -25.46
C ALA B 132 -9.46 -4.14 -26.43
N GLY B 133 -10.63 -4.69 -26.80
CA GLY B 133 -10.77 -5.77 -27.79
C GLY B 133 -10.46 -7.12 -27.19
N GLN B 134 -9.63 -7.93 -27.88
CA GLN B 134 -9.23 -9.30 -27.47
C GLN B 134 -8.44 -9.25 -26.15
N VAL B 135 -7.66 -8.18 -25.94
CA VAL B 135 -6.73 -7.98 -24.79
C VAL B 135 -7.49 -8.20 -23.47
N MET B 136 -8.69 -7.63 -23.34
CA MET B 136 -9.51 -7.64 -22.10
C MET B 136 -10.87 -8.29 -22.35
N ALA B 137 -10.92 -9.35 -23.15
CA ALA B 137 -12.15 -10.07 -23.54
C ALA B 137 -12.74 -10.79 -22.32
N HIS B 138 -11.94 -11.63 -21.65
CA HIS B 138 -12.38 -12.54 -20.55
C HIS B 138 -12.75 -11.75 -19.30
N ILE B 139 -12.01 -10.67 -19.00
CA ILE B 139 -12.14 -9.87 -17.75
C ILE B 139 -13.46 -9.10 -17.83
N ILE B 140 -13.68 -8.39 -18.94
CA ILE B 140 -14.89 -7.56 -19.21
C ILE B 140 -16.07 -8.46 -19.56
N GLY B 141 -15.89 -9.32 -20.57
CA GLY B 141 -16.96 -10.15 -21.16
C GLY B 141 -17.61 -9.44 -22.33
N VAL B 142 -18.83 -9.86 -22.69
CA VAL B 142 -19.64 -9.27 -23.80
C VAL B 142 -21.12 -9.27 -23.39
N THR B 143 -21.91 -8.42 -24.05
CA THR B 143 -23.38 -8.28 -23.86
C THR B 143 -24.09 -9.07 -24.97
N ASN B 144 -25.27 -9.64 -24.66
CA ASN B 144 -26.15 -10.30 -25.66
C ASN B 144 -26.78 -9.21 -26.52
N ILE B 145 -27.54 -9.60 -27.56
CA ILE B 145 -28.08 -8.67 -28.60
C ILE B 145 -29.07 -7.69 -27.97
N ASP B 146 -29.76 -8.08 -26.89
CA ASP B 146 -30.79 -7.26 -26.20
C ASP B 146 -30.14 -6.23 -25.27
N GLY B 147 -28.84 -6.38 -24.97
CA GLY B 147 -28.07 -5.45 -24.14
C GLY B 147 -27.95 -5.91 -22.69
N GLN B 148 -28.10 -7.21 -22.44
CA GLN B 148 -27.86 -7.87 -21.13
C GLN B 148 -26.50 -8.57 -21.16
N GLY B 149 -25.86 -8.74 -20.00
CA GLY B 149 -24.54 -9.38 -19.86
C GLY B 149 -24.66 -10.89 -19.80
N ILE B 150 -23.81 -11.60 -20.56
CA ILE B 150 -23.77 -13.09 -20.65
C ILE B 150 -22.39 -13.61 -20.20
N GLU B 151 -21.43 -12.72 -19.96
CA GLU B 151 -20.04 -13.09 -19.58
C GLU B 151 -19.37 -11.93 -18.83
N GLY B 152 -18.39 -12.24 -17.98
CA GLY B 152 -17.49 -11.27 -17.32
C GLY B 152 -18.23 -10.26 -16.46
N VAL B 153 -17.59 -9.11 -16.20
CA VAL B 153 -18.11 -7.98 -15.38
C VAL B 153 -19.46 -7.52 -15.94
N GLU B 154 -19.58 -7.48 -17.27
CA GLU B 154 -20.81 -7.11 -18.01
C GLU B 154 -22.01 -7.88 -17.44
N LYS B 155 -21.90 -9.21 -17.37
CA LYS B 155 -22.91 -10.11 -16.75
C LYS B 155 -22.95 -9.85 -15.23
N SER B 156 -21.78 -9.71 -14.61
CA SER B 156 -21.60 -9.60 -13.14
C SER B 156 -22.37 -8.40 -12.58
N PHE B 157 -22.26 -7.23 -13.21
CA PHE B 157 -22.83 -5.94 -12.73
C PHE B 157 -23.91 -5.43 -13.68
N ASP B 158 -24.85 -6.29 -14.10
CA ASP B 158 -25.90 -5.91 -15.07
C ASP B 158 -26.85 -4.91 -14.41
N ARG B 159 -27.24 -5.13 -13.15
CA ARG B 159 -28.16 -4.23 -12.39
C ARG B 159 -27.52 -2.84 -12.25
N TRP B 160 -26.22 -2.79 -11.95
CA TRP B 160 -25.43 -1.55 -11.79
C TRP B 160 -25.47 -0.73 -13.09
N LEU B 161 -25.40 -1.40 -14.24
CA LEU B 161 -25.31 -0.78 -15.59
C LEU B 161 -26.68 -0.71 -16.27
N THR B 162 -27.72 -1.30 -15.65
CA THR B 162 -29.13 -1.30 -16.15
C THR B 162 -29.97 -0.30 -15.34
N GLY B 163 -30.00 -0.47 -14.00
CA GLY B 163 -30.81 0.34 -13.07
C GLY B 163 -32.28 -0.02 -13.16
N GLN B 188 -33.77 3.01 -9.10
CA GLN B 188 -32.56 3.76 -9.53
C GLN B 188 -32.35 3.60 -11.04
N ALA B 189 -31.56 4.50 -11.63
CA ALA B 189 -31.11 4.47 -13.05
C ALA B 189 -29.72 3.82 -13.12
N ALA B 190 -29.16 3.70 -14.33
CA ALA B 190 -27.88 3.01 -14.61
C ALA B 190 -26.69 3.89 -14.17
N HIS B 191 -25.72 3.28 -13.50
CA HIS B 191 -24.43 3.91 -13.08
C HIS B 191 -23.31 3.46 -14.01
N ASN B 192 -22.10 4.03 -13.86
CA ASN B 192 -20.86 3.62 -14.58
C ASN B 192 -20.04 2.69 -13.69
N LEU B 193 -18.96 2.11 -14.22
CA LEU B 193 -18.10 1.13 -13.50
C LEU B 193 -16.62 1.50 -13.67
N VAL B 194 -15.86 1.43 -12.57
CA VAL B 194 -14.37 1.62 -12.52
C VAL B 194 -13.74 0.33 -12.01
N LEU B 195 -13.06 -0.42 -12.88
CA LEU B 195 -12.42 -1.72 -12.55
C LEU B 195 -11.05 -1.48 -11.90
N SER B 196 -10.57 -2.48 -11.15
CA SER B 196 -9.22 -2.52 -10.52
C SER B 196 -8.14 -2.64 -11.60
N VAL B 197 -8.50 -3.18 -12.76
CA VAL B 197 -7.57 -3.49 -13.89
C VAL B 197 -6.82 -2.22 -14.29
N ASP B 198 -5.59 -2.38 -14.80
CA ASP B 198 -4.77 -1.32 -15.42
C ASP B 198 -4.47 -1.74 -16.86
N GLU B 199 -5.06 -1.05 -17.84
CA GLU B 199 -5.00 -1.41 -19.29
C GLU B 199 -3.53 -1.55 -19.73
N ARG B 200 -2.65 -0.69 -19.22
CA ARG B 200 -1.19 -0.68 -19.56
C ARG B 200 -0.56 -2.02 -19.19
N LEU B 201 -0.73 -2.45 -17.94
CA LEU B 201 -0.18 -3.71 -17.38
C LEU B 201 -0.86 -4.91 -18.07
N GLN B 202 -2.18 -4.86 -18.18
CA GLN B 202 -3.04 -5.88 -18.84
C GLN B 202 -2.53 -6.13 -20.27
N ALA B 203 -2.28 -5.06 -21.04
CA ALA B 203 -1.76 -5.10 -22.42
C ALA B 203 -0.35 -5.67 -22.43
N LEU B 204 0.47 -5.31 -21.42
CA LEU B 204 1.86 -5.80 -21.23
C LEU B 204 1.83 -7.32 -21.04
N VAL B 205 1.01 -7.79 -20.08
CA VAL B 205 0.79 -9.23 -19.76
C VAL B 205 0.42 -9.96 -21.05
N TYR B 206 -0.71 -9.58 -21.66
CA TYR B 206 -1.33 -10.26 -22.82
C TYR B 206 -0.30 -10.48 -23.93
N ARG B 207 0.47 -9.46 -24.28
CA ARG B 207 1.48 -9.50 -25.39
C ARG B 207 2.54 -10.56 -25.05
N GLU B 208 3.10 -10.53 -23.85
CA GLU B 208 4.15 -11.48 -23.37
C GLU B 208 3.58 -12.89 -23.28
N LEU B 209 2.32 -13.02 -22.85
CA LEU B 209 1.61 -14.31 -22.67
C LEU B 209 1.27 -14.91 -24.05
N ASN B 210 0.82 -14.06 -24.99
CA ASN B 210 0.47 -14.44 -26.38
C ASN B 210 1.71 -15.01 -27.08
N ASN B 211 2.83 -14.27 -27.02
CA ASN B 211 4.12 -14.62 -27.66
C ASN B 211 4.72 -15.88 -27.00
N ALA B 212 4.44 -16.09 -25.72
CA ALA B 212 4.91 -17.25 -24.93
C ALA B 212 4.21 -18.52 -25.42
N VAL B 213 2.88 -18.49 -25.54
CA VAL B 213 2.03 -19.61 -26.02
C VAL B 213 2.49 -20.01 -27.44
N ALA B 214 2.84 -19.01 -28.27
CA ALA B 214 3.30 -19.19 -29.67
C ALA B 214 4.67 -19.87 -29.69
N PHE B 215 5.64 -19.34 -28.93
CA PHE B 215 7.05 -19.80 -28.89
C PHE B 215 7.14 -21.26 -28.46
N ASN B 216 6.22 -21.69 -27.57
CA ASN B 216 6.22 -23.03 -26.94
C ASN B 216 5.28 -23.99 -27.70
N LYS B 217 4.47 -23.47 -28.63
CA LYS B 217 3.36 -24.21 -29.28
C LYS B 217 2.44 -24.80 -28.21
N ALA B 218 2.11 -23.99 -27.19
CA ALA B 218 1.26 -24.38 -26.04
C ALA B 218 -0.20 -24.40 -26.48
N GLU B 219 -1.05 -25.11 -25.73
CA GLU B 219 -2.52 -25.09 -25.89
C GLU B 219 -3.05 -23.69 -25.57
N SER B 220 -2.75 -23.21 -24.36
CA SER B 220 -3.22 -21.91 -23.81
C SER B 220 -2.17 -21.32 -22.87
N GLY B 221 -2.45 -20.11 -22.36
CA GLY B 221 -1.68 -19.43 -21.30
C GLY B 221 -2.61 -18.60 -20.43
N THR B 222 -2.20 -18.33 -19.18
CA THR B 222 -2.95 -17.49 -18.22
C THR B 222 -1.97 -16.82 -17.27
N ALA B 223 -2.20 -15.54 -16.95
CA ALA B 223 -1.35 -14.71 -16.05
C ALA B 223 -2.24 -13.77 -15.24
N VAL B 224 -2.36 -14.01 -13.93
CA VAL B 224 -3.10 -13.15 -12.96
C VAL B 224 -2.08 -12.32 -12.18
N LEU B 225 -2.32 -11.01 -12.05
CA LEU B 225 -1.45 -10.04 -11.34
C LEU B 225 -2.30 -9.30 -10.30
N VAL B 226 -1.88 -9.32 -9.03
CA VAL B 226 -2.65 -8.77 -7.88
C VAL B 226 -1.74 -7.83 -7.07
N ASP B 227 -2.28 -6.69 -6.66
CA ASP B 227 -1.65 -5.75 -5.68
C ASP B 227 -1.73 -6.41 -4.30
N VAL B 228 -0.58 -6.57 -3.62
CA VAL B 228 -0.45 -7.30 -2.33
C VAL B 228 -1.18 -6.52 -1.22
N ASN B 229 -1.34 -5.21 -1.39
CA ASN B 229 -1.82 -4.26 -0.34
C ASN B 229 -3.35 -4.11 -0.37
N THR B 230 -3.96 -4.27 -1.55
CA THR B 230 -5.41 -3.97 -1.78
C THR B 230 -6.20 -5.21 -2.19
N GLY B 231 -5.54 -6.23 -2.75
CA GLY B 231 -6.21 -7.38 -3.39
C GLY B 231 -6.86 -6.97 -4.70
N GLU B 232 -6.39 -5.88 -5.30
CA GLU B 232 -6.85 -5.35 -6.61
C GLU B 232 -6.25 -6.21 -7.72
N VAL B 233 -7.08 -6.80 -8.58
CA VAL B 233 -6.65 -7.54 -9.80
C VAL B 233 -6.18 -6.51 -10.83
N LEU B 234 -4.87 -6.26 -10.91
CA LEU B 234 -4.28 -5.27 -11.84
C LEU B 234 -4.29 -5.82 -13.27
N ALA B 235 -4.30 -7.15 -13.42
CA ALA B 235 -4.39 -7.84 -14.72
C ALA B 235 -4.93 -9.27 -14.53
N MET B 236 -5.53 -9.83 -15.58
CA MET B 236 -6.05 -11.22 -15.65
C MET B 236 -6.28 -11.58 -17.11
N ALA B 237 -5.21 -11.88 -17.86
CA ALA B 237 -5.26 -12.19 -19.30
C ALA B 237 -5.00 -13.67 -19.54
N ASN B 238 -5.92 -14.33 -20.27
CA ASN B 238 -5.72 -15.67 -20.89
C ASN B 238 -5.40 -15.45 -22.37
N SER B 239 -4.62 -16.34 -22.97
CA SER B 239 -4.34 -16.40 -24.44
C SER B 239 -4.38 -17.86 -24.87
N PRO B 240 -5.22 -18.28 -25.85
CA PRO B 240 -5.99 -17.40 -26.75
C PRO B 240 -7.23 -16.72 -26.14
N SER B 241 -7.76 -15.71 -26.85
CA SER B 241 -8.97 -14.94 -26.49
C SER B 241 -9.77 -14.60 -27.75
N TYR B 242 -11.08 -14.36 -27.59
CA TYR B 242 -12.03 -14.01 -28.68
C TYR B 242 -11.99 -12.50 -28.92
N ASN B 243 -12.40 -12.07 -30.12
CA ASN B 243 -12.61 -10.65 -30.49
C ASN B 243 -14.04 -10.28 -30.12
N PRO B 244 -14.27 -9.45 -29.05
CA PRO B 244 -15.62 -9.11 -28.61
C PRO B 244 -16.35 -8.12 -29.53
N ASN B 245 -15.61 -7.44 -30.41
CA ASN B 245 -16.16 -6.46 -31.39
C ASN B 245 -16.89 -7.22 -32.51
N ASN B 246 -16.40 -8.41 -32.89
CA ASN B 246 -17.01 -9.32 -33.90
C ASN B 246 -17.08 -10.73 -33.30
N LEU B 247 -18.02 -10.94 -32.38
CA LEU B 247 -18.16 -12.18 -31.57
C LEU B 247 -19.17 -13.15 -32.20
N THR B 248 -19.89 -12.75 -33.27
CA THR B 248 -20.86 -13.63 -33.98
C THR B 248 -20.10 -14.82 -34.58
N GLY B 249 -20.58 -16.04 -34.30
CA GLY B 249 -19.99 -17.30 -34.82
C GLY B 249 -18.80 -17.77 -34.01
N THR B 250 -18.61 -17.24 -32.80
CA THR B 250 -17.53 -17.65 -31.86
C THR B 250 -18.06 -18.75 -30.94
N PRO B 251 -17.31 -19.86 -30.75
CA PRO B 251 -17.70 -20.91 -29.80
C PRO B 251 -17.57 -20.43 -28.35
N LYS B 252 -18.39 -21.00 -27.45
CA LYS B 252 -18.43 -20.63 -26.01
C LYS B 252 -17.10 -20.98 -25.32
N ASP B 253 -16.39 -21.98 -25.81
CA ASP B 253 -15.11 -22.48 -25.21
C ASP B 253 -14.13 -21.30 -25.01
N ALA B 254 -13.96 -20.47 -26.03
CA ALA B 254 -13.09 -19.27 -26.01
C ALA B 254 -13.58 -18.28 -24.95
N MET B 255 -14.90 -18.20 -24.75
CA MET B 255 -15.56 -17.27 -23.79
C MET B 255 -15.08 -17.56 -22.36
N ARG B 256 -14.99 -18.84 -22.00
CA ARG B 256 -14.59 -19.34 -20.66
C ARG B 256 -13.26 -18.67 -20.23
N ASN B 257 -13.19 -18.22 -18.98
CA ASN B 257 -12.04 -17.52 -18.36
C ASN B 257 -11.16 -18.53 -17.63
N ARG B 258 -10.07 -18.97 -18.27
CA ARG B 258 -9.14 -20.02 -17.76
C ARG B 258 -8.60 -19.64 -16.37
N ALA B 259 -8.50 -18.34 -16.08
CA ALA B 259 -8.02 -17.77 -14.80
C ALA B 259 -8.87 -18.25 -13.62
N ILE B 260 -10.17 -18.49 -13.83
CA ILE B 260 -11.16 -18.83 -12.75
C ILE B 260 -11.94 -20.10 -13.06
N THR B 261 -11.69 -20.76 -14.20
CA THR B 261 -12.39 -22.01 -14.64
C THR B 261 -11.45 -23.20 -14.52
N ASP B 262 -10.29 -23.16 -15.18
CA ASP B 262 -9.27 -24.24 -15.17
C ASP B 262 -8.67 -24.37 -13.77
N ILE B 263 -8.59 -25.61 -13.26
CA ILE B 263 -7.98 -25.94 -11.95
C ILE B 263 -6.90 -27.00 -12.17
N PHE B 264 -5.74 -26.83 -11.52
CA PHE B 264 -4.53 -27.69 -11.67
C PHE B 264 -3.90 -27.92 -10.29
N GLU B 265 -3.08 -28.97 -10.17
CA GLU B 265 -2.34 -29.31 -8.94
C GLU B 265 -1.26 -28.26 -8.71
N PRO B 266 -1.29 -27.53 -7.56
CA PRO B 266 -0.43 -26.36 -7.35
C PRO B 266 1.06 -26.72 -7.28
N GLY B 267 1.38 -27.93 -6.80
CA GLY B 267 2.74 -28.50 -6.78
C GLY B 267 3.71 -27.64 -5.98
N SER B 268 4.91 -27.43 -6.51
CA SER B 268 6.08 -26.80 -5.83
C SER B 268 5.72 -25.44 -5.20
N THR B 269 4.65 -24.80 -5.67
CA THR B 269 4.21 -23.43 -5.23
C THR B 269 3.73 -23.44 -3.77
N VAL B 270 3.42 -24.61 -3.21
CA VAL B 270 2.90 -24.76 -1.81
C VAL B 270 4.07 -24.80 -0.82
N LYS B 271 5.29 -25.12 -1.30
CA LYS B 271 6.45 -25.46 -0.45
C LYS B 271 6.82 -24.29 0.47
N PRO B 272 6.73 -23.02 0.02
CA PRO B 272 6.85 -21.88 0.94
C PRO B 272 5.95 -21.99 2.19
N MET B 273 4.68 -22.39 2.02
CA MET B 273 3.71 -22.56 3.13
C MET B 273 4.13 -23.74 4.03
N VAL B 274 4.69 -24.80 3.43
CA VAL B 274 5.20 -25.98 4.18
C VAL B 274 6.31 -25.53 5.13
N VAL B 275 7.27 -24.75 4.61
CA VAL B 275 8.41 -24.18 5.37
C VAL B 275 7.87 -23.30 6.50
N MET B 276 6.92 -22.40 6.19
CA MET B 276 6.27 -21.48 7.17
C MET B 276 5.72 -22.29 8.34
N THR B 277 4.87 -23.29 8.05
CA THR B 277 4.21 -24.16 9.06
C THR B 277 5.26 -24.81 9.96
N ALA B 278 6.35 -25.33 9.38
CA ALA B 278 7.45 -26.03 10.06
C ALA B 278 8.12 -25.10 11.08
N LEU B 279 8.43 -23.87 10.67
CA LEU B 279 9.11 -22.85 11.51
C LEU B 279 8.23 -22.49 12.72
N GLN B 280 6.94 -22.21 12.47
CA GLN B 280 5.94 -21.83 13.50
C GLN B 280 5.80 -22.97 14.52
N HIS B 281 5.68 -24.21 14.04
CA HIS B 281 5.49 -25.44 14.86
C HIS B 281 6.75 -25.75 15.67
N GLY B 282 7.88 -25.11 15.38
CA GLY B 282 9.17 -25.31 16.07
C GLY B 282 9.81 -26.63 15.70
N VAL B 283 9.35 -27.24 14.59
CA VAL B 283 9.86 -28.52 14.04
C VAL B 283 11.22 -28.28 13.38
N VAL B 284 11.40 -27.09 12.81
CA VAL B 284 12.66 -26.64 12.15
C VAL B 284 12.95 -25.19 12.57
N LYS B 285 14.20 -24.77 12.44
CA LYS B 285 14.65 -23.37 12.69
C LYS B 285 15.24 -22.78 11.40
N GLU B 286 15.38 -21.45 11.39
CA GLU B 286 15.79 -20.61 10.22
C GLU B 286 16.96 -21.27 9.46
N ASN B 287 18.01 -21.68 10.18
CA ASN B 287 19.31 -22.11 9.58
C ASN B 287 19.46 -23.64 9.63
N SER B 288 18.45 -24.37 10.09
CA SER B 288 18.48 -25.85 10.28
C SER B 288 18.91 -26.55 8.99
N VAL B 289 19.73 -27.60 9.12
CA VAL B 289 20.20 -28.47 8.00
C VAL B 289 19.54 -29.85 8.18
N LEU B 290 18.93 -30.37 7.11
CA LEU B 290 18.19 -31.66 7.10
C LEU B 290 18.93 -32.69 6.24
N ASN B 291 18.91 -33.96 6.64
CA ASN B 291 19.33 -35.12 5.81
C ASN B 291 18.32 -35.28 4.67
N THR B 292 18.73 -35.01 3.43
CA THR B 292 17.85 -34.97 2.23
C THR B 292 18.20 -36.14 1.29
N LEU B 293 18.72 -37.25 1.82
CA LEU B 293 18.99 -38.49 1.05
C LEU B 293 17.67 -39.23 0.82
N PRO B 294 17.49 -39.86 -0.36
CA PRO B 294 16.20 -40.47 -0.71
C PRO B 294 15.83 -41.60 0.26
N TYR B 295 14.54 -41.71 0.61
CA TYR B 295 14.00 -42.66 1.60
C TYR B 295 12.58 -43.10 1.18
N PHE B 296 12.15 -44.28 1.61
CA PHE B 296 10.83 -44.88 1.29
C PHE B 296 9.77 -44.46 2.32
N VAL B 297 8.54 -44.24 1.86
CA VAL B 297 7.33 -43.95 2.70
C VAL B 297 6.17 -44.80 2.17
N ASN B 298 5.77 -45.82 2.93
CA ASN B 298 4.62 -46.72 2.62
C ASN B 298 4.83 -47.37 1.24
N GLY B 299 6.08 -47.72 0.90
CA GLY B 299 6.45 -48.40 -0.35
C GLY B 299 7.02 -47.43 -1.37
N HIS B 300 6.42 -46.25 -1.52
CA HIS B 300 6.81 -45.20 -2.50
C HIS B 300 8.14 -44.57 -2.10
N GLN B 301 9.03 -44.35 -3.06
CA GLN B 301 10.35 -43.70 -2.87
C GLN B 301 10.20 -42.19 -3.10
N ILE B 302 10.67 -41.38 -2.13
CA ILE B 302 10.78 -39.90 -2.24
C ILE B 302 12.22 -39.56 -2.61
N LYS B 303 12.42 -38.84 -3.74
CA LYS B 303 13.75 -38.40 -4.24
C LYS B 303 13.57 -37.14 -5.09
N ASP B 304 14.67 -36.40 -5.29
CA ASP B 304 14.72 -35.14 -6.09
C ASP B 304 15.47 -35.40 -7.40
N VAL B 305 15.35 -34.47 -8.36
CA VAL B 305 16.07 -34.51 -9.67
C VAL B 305 17.57 -34.61 -9.41
N ALA B 306 18.10 -33.81 -8.48
CA ALA B 306 19.52 -33.78 -8.05
C ALA B 306 19.63 -34.29 -6.62
N ARG B 307 20.34 -35.41 -6.41
CA ARG B 307 20.59 -35.99 -5.07
C ARG B 307 21.54 -35.05 -4.29
N TYR B 308 21.05 -34.50 -3.18
CA TYR B 308 21.84 -33.71 -2.20
C TYR B 308 21.75 -34.40 -0.83
N ALA B 309 22.91 -34.69 -0.22
CA ALA B 309 23.02 -35.36 1.10
C ALA B 309 22.41 -34.45 2.18
N GLU B 310 22.75 -33.16 2.14
CA GLU B 310 22.33 -32.13 3.13
C GLU B 310 21.86 -30.86 2.42
N LEU B 311 20.74 -30.28 2.87
CA LEU B 311 20.24 -28.94 2.47
C LEU B 311 19.79 -28.19 3.72
N SER B 312 19.89 -26.86 3.71
CA SER B 312 19.29 -25.94 4.72
C SER B 312 17.80 -25.76 4.38
N VAL B 313 17.04 -25.14 5.28
CA VAL B 313 15.59 -24.80 5.05
C VAL B 313 15.51 -23.92 3.79
N THR B 314 16.46 -22.99 3.64
CA THR B 314 16.68 -22.17 2.42
C THR B 314 16.93 -23.10 1.22
N GLY B 315 17.85 -24.06 1.38
CA GLY B 315 18.24 -25.04 0.35
C GLY B 315 17.06 -25.83 -0.19
N ILE B 316 16.10 -26.17 0.67
CA ILE B 316 14.88 -26.97 0.31
C ILE B 316 14.07 -26.19 -0.73
N LEU B 317 13.72 -24.94 -0.44
CA LEU B 317 12.95 -24.05 -1.35
C LEU B 317 13.76 -23.80 -2.63
N GLN B 318 15.04 -23.44 -2.47
CA GLN B 318 15.97 -23.15 -3.58
C GLN B 318 15.94 -24.33 -4.58
N LYS B 319 16.13 -25.56 -4.10
CA LYS B 319 16.30 -26.78 -4.93
C LYS B 319 14.96 -27.49 -5.16
N SER B 320 13.87 -27.01 -4.53
CA SER B 320 12.52 -27.63 -4.61
C SER B 320 12.63 -29.12 -4.25
N SER B 321 13.26 -29.42 -3.11
CA SER B 321 13.57 -30.79 -2.64
C SER B 321 12.32 -31.44 -2.03
N ASN B 322 11.77 -32.45 -2.72
CA ASN B 322 10.63 -33.27 -2.25
C ASN B 322 11.02 -33.97 -0.94
N VAL B 323 12.25 -34.48 -0.85
CA VAL B 323 12.78 -35.20 0.34
C VAL B 323 12.68 -34.27 1.55
N GLY B 324 13.13 -33.01 1.39
CA GLY B 324 13.11 -31.99 2.44
C GLY B 324 11.70 -31.74 2.96
N VAL B 325 10.80 -31.28 2.09
CA VAL B 325 9.41 -30.87 2.47
C VAL B 325 8.68 -32.06 3.09
N SER B 326 8.90 -33.28 2.58
CA SER B 326 8.28 -34.53 3.08
C SER B 326 8.72 -34.77 4.53
N LYS B 327 10.01 -34.55 4.84
CA LYS B 327 10.59 -34.75 6.20
C LYS B 327 10.15 -33.60 7.11
N LEU B 328 9.88 -32.42 6.56
CA LEU B 328 9.28 -31.26 7.29
C LEU B 328 7.81 -31.58 7.61
N ALA B 329 7.08 -32.11 6.63
CA ALA B 329 5.63 -32.41 6.71
C ALA B 329 5.38 -33.54 7.73
N LEU B 330 6.16 -34.61 7.66
CA LEU B 330 5.97 -35.84 8.49
C LEU B 330 6.49 -35.61 9.91
N ALA B 331 7.20 -34.50 10.15
CA ALA B 331 7.65 -34.03 11.49
C ALA B 331 6.50 -33.29 12.19
N MET B 332 5.50 -32.84 11.42
CA MET B 332 4.28 -32.16 11.93
C MET B 332 3.08 -33.10 11.79
N PRO B 333 1.95 -32.83 12.49
CA PRO B 333 0.70 -33.56 12.25
C PRO B 333 0.16 -33.35 10.83
N SER B 334 -0.74 -34.23 10.39
CA SER B 334 -1.44 -34.16 9.08
C SER B 334 -2.26 -32.86 8.98
N SER B 335 -2.81 -32.39 10.11
CA SER B 335 -3.72 -31.22 10.21
C SER B 335 -2.94 -29.90 10.12
N ALA B 336 -1.61 -29.94 10.25
CA ALA B 336 -0.72 -28.76 10.21
C ALA B 336 -0.85 -28.03 8.87
N LEU B 337 -0.53 -28.71 7.76
CA LEU B 337 -0.57 -28.14 6.39
C LEU B 337 -2.01 -27.89 5.95
N VAL B 338 -2.94 -28.74 6.39
CA VAL B 338 -4.41 -28.63 6.10
C VAL B 338 -4.93 -27.29 6.65
N ASP B 339 -4.45 -26.86 7.82
CA ASP B 339 -4.82 -25.56 8.45
C ASP B 339 -4.19 -24.43 7.64
N THR B 340 -2.86 -24.44 7.47
CA THR B 340 -2.06 -23.39 6.80
C THR B 340 -2.63 -23.10 5.40
N TYR B 341 -2.69 -24.13 4.54
CA TYR B 341 -3.18 -24.02 3.14
C TYR B 341 -4.55 -23.32 3.14
N SER B 342 -5.47 -23.78 3.99
CA SER B 342 -6.86 -23.28 4.11
C SER B 342 -6.88 -21.78 4.46
N ARG B 343 -5.98 -21.34 5.34
CA ARG B 343 -5.87 -19.92 5.80
C ARG B 343 -5.40 -19.03 4.64
N PHE B 344 -4.66 -19.60 3.68
CA PHE B 344 -4.10 -18.89 2.49
C PHE B 344 -5.14 -18.85 1.35
N GLY B 345 -6.33 -19.44 1.57
CA GLY B 345 -7.46 -19.36 0.63
C GLY B 345 -7.52 -20.54 -0.33
N PHE B 346 -6.68 -21.56 -0.11
CA PHE B 346 -6.74 -22.86 -0.85
C PHE B 346 -8.11 -23.51 -0.58
N GLY B 347 -8.86 -23.79 -1.65
CA GLY B 347 -10.18 -24.46 -1.58
C GLY B 347 -11.26 -23.54 -1.03
N LYS B 348 -11.10 -22.22 -1.20
CA LYS B 348 -12.09 -21.20 -0.78
C LYS B 348 -12.43 -20.29 -1.98
N ALA B 349 -13.70 -19.89 -2.10
CA ALA B 349 -14.22 -19.08 -3.22
C ALA B 349 -13.43 -17.78 -3.34
N THR B 350 -13.06 -17.40 -4.57
CA THR B 350 -12.38 -16.12 -4.90
C THR B 350 -13.39 -14.97 -4.76
N ASN B 351 -14.68 -15.27 -4.91
CA ASN B 351 -15.84 -14.39 -4.53
C ASN B 351 -15.86 -13.12 -5.40
N LEU B 352 -15.28 -13.16 -6.60
CA LEU B 352 -15.37 -12.06 -7.60
C LEU B 352 -16.79 -12.00 -8.17
N GLY B 353 -17.52 -13.13 -8.14
CA GLY B 353 -18.91 -13.24 -8.62
C GLY B 353 -18.98 -13.31 -10.14
N LEU B 354 -17.85 -13.63 -10.81
CA LEU B 354 -17.79 -13.88 -12.27
C LEU B 354 -18.46 -15.21 -12.58
N VAL B 355 -18.77 -15.47 -13.86
CA VAL B 355 -19.42 -16.72 -14.33
C VAL B 355 -18.32 -17.76 -14.63
N GLY B 356 -18.56 -19.02 -14.21
CA GLY B 356 -17.59 -20.13 -14.34
C GLY B 356 -16.53 -20.11 -13.26
N GLU B 357 -16.71 -19.27 -12.24
CA GLU B 357 -15.73 -19.02 -11.14
C GLU B 357 -15.67 -20.26 -10.24
N SER B 358 -14.54 -20.98 -10.24
CA SER B 358 -14.32 -22.25 -9.52
C SER B 358 -13.70 -21.99 -8.15
N SER B 359 -13.98 -22.86 -7.17
CA SER B 359 -13.44 -22.83 -5.78
C SER B 359 -12.36 -23.90 -5.60
N GLY B 360 -11.76 -24.37 -6.71
CA GLY B 360 -10.71 -25.41 -6.71
C GLY B 360 -11.21 -26.72 -6.13
N LEU B 361 -10.28 -27.57 -5.68
CA LEU B 361 -10.57 -28.87 -5.01
C LEU B 361 -9.66 -29.01 -3.79
N TYR B 362 -10.24 -29.37 -2.64
CA TYR B 362 -9.55 -29.46 -1.32
C TYR B 362 -10.10 -30.65 -0.53
N PRO B 363 -9.23 -31.51 0.05
CA PRO B 363 -9.69 -32.70 0.76
C PRO B 363 -10.28 -32.36 2.14
N LYS B 364 -11.43 -32.94 2.46
CA LYS B 364 -12.11 -32.83 3.78
C LYS B 364 -12.16 -34.22 4.43
N LYS B 365 -11.06 -34.97 4.32
CA LYS B 365 -10.91 -36.34 4.88
C LYS B 365 -10.59 -36.25 6.38
N GLN B 366 -10.57 -37.41 7.05
CA GLN B 366 -10.31 -37.53 8.52
C GLN B 366 -9.01 -38.31 8.76
N ARG B 367 -8.74 -39.34 7.95
CA ARG B 367 -7.60 -40.27 8.11
C ARG B 367 -6.53 -39.95 7.06
N TRP B 368 -5.26 -39.85 7.49
CA TRP B 368 -4.09 -39.48 6.64
C TRP B 368 -3.03 -40.57 6.71
N SER B 369 -2.72 -41.20 5.57
CA SER B 369 -1.56 -42.11 5.38
C SER B 369 -0.28 -41.26 5.31
N ASP B 370 0.87 -41.83 5.69
CA ASP B 370 2.18 -41.15 5.67
C ASP B 370 2.47 -40.62 4.25
N ILE B 371 2.09 -41.37 3.22
CA ILE B 371 2.30 -41.01 1.79
C ILE B 371 1.38 -39.83 1.42
N GLU B 372 0.14 -39.82 1.92
CA GLU B 372 -0.86 -38.75 1.65
C GLU B 372 -0.34 -37.42 2.20
N ARG B 373 0.24 -37.43 3.42
CA ARG B 373 0.83 -36.24 4.07
C ARG B 373 2.07 -35.79 3.30
N ALA B 374 2.84 -36.74 2.75
CA ALA B 374 4.08 -36.49 1.98
C ALA B 374 3.74 -35.87 0.61
N THR B 375 2.67 -36.35 -0.04
CA THR B 375 2.22 -35.87 -1.38
C THR B 375 1.61 -34.46 -1.25
N PHE B 376 0.89 -34.20 -0.15
CA PHE B 376 0.22 -32.91 0.16
C PHE B 376 1.29 -31.81 0.34
N SER B 377 2.48 -32.19 0.82
CA SER B 377 3.65 -31.29 1.02
C SER B 377 4.28 -30.93 -0.33
N PHE B 378 4.29 -31.86 -1.28
CA PHE B 378 4.74 -31.64 -2.68
C PHE B 378 3.73 -30.72 -3.38
N GLY B 379 2.45 -30.84 -3.00
CA GLY B 379 1.34 -29.99 -3.48
C GLY B 379 0.42 -30.74 -4.43
N TYR B 380 0.10 -32.00 -4.12
CA TYR B 380 -0.86 -32.85 -4.87
C TYR B 380 -1.97 -33.32 -3.93
N GLY B 381 -3.11 -33.74 -4.49
CA GLY B 381 -4.33 -34.09 -3.75
C GLY B 381 -5.19 -32.87 -3.48
N LEU B 382 -5.01 -31.81 -4.28
CA LEU B 382 -5.80 -30.56 -4.27
C LEU B 382 -5.52 -29.78 -5.56
N MET B 383 -6.46 -28.94 -6.00
CA MET B 383 -6.37 -28.16 -7.26
C MET B 383 -6.81 -26.71 -7.01
N VAL B 384 -6.29 -25.77 -7.79
CA VAL B 384 -6.52 -24.30 -7.62
C VAL B 384 -6.68 -23.62 -8.98
N THR B 385 -7.47 -22.55 -9.03
CA THR B 385 -7.56 -21.60 -10.17
C THR B 385 -6.35 -20.67 -10.11
N PRO B 386 -5.72 -20.32 -11.25
CA PRO B 386 -4.61 -19.36 -11.26
C PRO B 386 -4.86 -18.13 -10.37
N LEU B 387 -6.11 -17.68 -10.28
CA LEU B 387 -6.54 -16.55 -9.40
C LEU B 387 -6.34 -16.95 -7.93
N GLN B 388 -6.89 -18.10 -7.51
CA GLN B 388 -6.75 -18.64 -6.13
C GLN B 388 -5.28 -18.59 -5.71
N LEU B 389 -4.37 -19.03 -6.59
CA LEU B 389 -2.91 -19.11 -6.35
C LEU B 389 -2.31 -17.71 -6.24
N ALA B 390 -2.82 -16.75 -7.03
CA ALA B 390 -2.39 -15.33 -7.01
C ALA B 390 -2.69 -14.71 -5.66
N ARG B 391 -3.88 -14.99 -5.11
CA ARG B 391 -4.33 -14.54 -3.76
C ARG B 391 -3.40 -15.13 -2.69
N VAL B 392 -3.01 -16.40 -2.85
CA VAL B 392 -2.06 -17.11 -1.95
C VAL B 392 -0.76 -16.30 -1.89
N TYR B 393 -0.18 -16.00 -3.05
CA TYR B 393 1.14 -15.30 -3.17
C TYR B 393 0.97 -13.80 -2.88
N ALA B 394 -0.24 -13.28 -3.01
CA ALA B 394 -0.61 -11.91 -2.56
C ALA B 394 -0.53 -11.85 -1.03
N THR B 395 -0.92 -12.94 -0.36
CA THR B 395 -0.87 -13.10 1.11
C THR B 395 0.60 -13.25 1.56
N ILE B 396 1.44 -13.87 0.73
CA ILE B 396 2.91 -13.99 0.97
C ILE B 396 3.54 -12.59 0.90
N GLY B 397 3.26 -11.85 -0.17
CA GLY B 397 3.78 -10.48 -0.40
C GLY B 397 3.39 -9.52 0.72
N SER B 398 2.18 -9.68 1.26
CA SER B 398 1.62 -8.85 2.37
C SER B 398 2.22 -9.26 3.71
N MET B 399 3.05 -10.31 3.73
CA MET B 399 3.74 -10.85 4.94
C MET B 399 2.70 -11.45 5.89
N GLY B 400 1.88 -12.37 5.38
CA GLY B 400 0.88 -13.12 6.15
C GLY B 400 -0.36 -12.30 6.46
N VAL B 401 -0.89 -11.59 5.47
CA VAL B 401 -2.13 -10.77 5.57
C VAL B 401 -3.06 -11.16 4.40
N TYR B 402 -4.05 -12.01 4.69
CA TYR B 402 -5.03 -12.55 3.72
C TYR B 402 -6.13 -11.51 3.47
N ARG B 403 -5.94 -10.67 2.46
CA ARG B 403 -6.93 -9.65 2.00
C ARG B 403 -7.79 -10.27 0.91
N PRO B 404 -9.12 -10.03 0.90
CA PRO B 404 -10.00 -10.58 -0.13
C PRO B 404 -9.75 -9.91 -1.50
N LEU B 405 -9.99 -10.64 -2.59
CA LEU B 405 -9.80 -10.15 -3.98
C LEU B 405 -10.91 -9.15 -4.33
N SER B 406 -10.58 -8.15 -5.16
CA SER B 406 -11.52 -7.14 -5.71
C SER B 406 -11.22 -6.91 -7.19
N ILE B 407 -12.27 -6.84 -8.02
CA ILE B 407 -12.19 -6.54 -9.48
C ILE B 407 -12.52 -5.04 -9.70
N THR B 408 -13.22 -4.41 -8.73
CA THR B 408 -13.47 -2.95 -8.68
C THR B 408 -12.28 -2.26 -8.00
N ARG B 409 -11.95 -1.04 -8.43
CA ARG B 409 -10.88 -0.20 -7.81
C ARG B 409 -11.29 0.11 -6.36
N VAL B 410 -10.37 -0.10 -5.41
CA VAL B 410 -10.53 0.24 -3.96
C VAL B 410 -9.25 0.93 -3.48
N ASP B 411 -9.39 2.11 -2.86
CA ASP B 411 -8.26 2.91 -2.32
C ASP B 411 -7.85 2.30 -0.98
N PRO B 412 -6.52 2.24 -0.67
CA PRO B 412 -6.06 1.73 0.62
C PRO B 412 -6.43 2.67 1.76
N PRO B 413 -6.40 2.23 3.04
CA PRO B 413 -6.00 0.87 3.40
C PRO B 413 -7.15 -0.14 3.33
N VAL B 414 -6.85 -1.40 2.98
CA VAL B 414 -7.82 -2.51 2.86
C VAL B 414 -7.59 -3.48 4.02
N ALA B 415 -8.64 -3.75 4.81
CA ALA B 415 -8.62 -4.66 5.98
C ALA B 415 -8.26 -6.09 5.51
N GLY B 416 -7.42 -6.78 6.29
CA GLY B 416 -6.97 -8.15 6.03
C GLY B 416 -6.87 -8.97 7.31
N GLU B 417 -6.90 -10.30 7.19
CA GLU B 417 -6.80 -11.26 8.32
C GLU B 417 -5.33 -11.67 8.49
N ARG B 418 -4.79 -11.54 9.70
CA ARG B 418 -3.40 -11.95 10.06
C ARG B 418 -3.40 -13.45 10.38
N ILE B 419 -2.76 -14.25 9.53
CA ILE B 419 -2.76 -15.75 9.61
C ILE B 419 -1.40 -16.26 10.08
N PHE B 420 -0.33 -15.48 9.88
CA PHE B 420 1.03 -15.75 10.44
C PHE B 420 1.66 -14.44 10.91
N PRO B 421 2.45 -14.47 12.01
CA PRO B 421 3.29 -13.33 12.40
C PRO B 421 4.12 -12.78 11.23
N GLU B 422 4.30 -11.46 11.19
CA GLU B 422 4.87 -10.72 10.04
C GLU B 422 6.33 -11.13 9.78
N PRO B 423 7.23 -11.12 10.80
CA PRO B 423 8.65 -11.39 10.54
C PRO B 423 8.94 -12.85 10.18
N LEU B 424 8.04 -13.77 10.54
CA LEU B 424 8.12 -15.23 10.18
C LEU B 424 8.03 -15.36 8.66
N VAL B 425 7.02 -14.74 8.05
CA VAL B 425 6.75 -14.78 6.59
C VAL B 425 7.92 -14.11 5.86
N ARG B 426 8.37 -12.95 6.36
CA ARG B 426 9.47 -12.15 5.77
C ARG B 426 10.73 -13.01 5.64
N THR B 427 11.02 -13.85 6.65
CA THR B 427 12.15 -14.81 6.65
C THR B 427 12.03 -15.74 5.44
N VAL B 428 10.83 -16.29 5.21
CA VAL B 428 10.53 -17.27 4.12
C VAL B 428 10.59 -16.55 2.77
N VAL B 429 10.04 -15.33 2.70
CA VAL B 429 10.09 -14.45 1.48
C VAL B 429 11.57 -14.21 1.12
N HIS B 430 12.42 -14.00 2.13
CA HIS B 430 13.89 -13.79 1.97
C HIS B 430 14.53 -15.08 1.43
N MET B 431 14.12 -16.24 1.94
CA MET B 431 14.63 -17.57 1.49
C MET B 431 14.27 -17.76 0.01
N MET B 432 13.03 -17.42 -0.37
CA MET B 432 12.45 -17.65 -1.72
C MET B 432 13.27 -16.89 -2.79
N GLU B 433 14.04 -15.87 -2.41
CA GLU B 433 14.94 -15.11 -3.31
C GLU B 433 15.99 -16.05 -3.91
N SER B 434 16.36 -17.12 -3.19
CA SER B 434 17.38 -18.13 -3.58
C SER B 434 16.98 -18.86 -4.87
N VAL B 435 15.67 -18.93 -5.16
CA VAL B 435 15.11 -19.60 -6.38
C VAL B 435 15.51 -18.79 -7.62
N ALA B 436 15.46 -17.45 -7.52
CA ALA B 436 15.73 -16.50 -8.62
C ALA B 436 17.24 -16.27 -8.79
N LEU B 437 18.05 -16.64 -7.79
CA LEU B 437 19.53 -16.50 -7.79
C LEU B 437 20.15 -17.83 -8.21
N PRO B 438 21.42 -17.85 -8.68
CA PRO B 438 22.09 -19.08 -9.10
C PRO B 438 21.93 -20.26 -8.13
N GLY B 439 21.69 -21.46 -8.68
CA GLY B 439 21.44 -22.70 -7.92
C GLY B 439 19.96 -22.96 -7.70
N GLY B 440 19.09 -22.13 -8.29
CA GLY B 440 17.62 -22.21 -8.16
C GLY B 440 16.95 -22.59 -9.47
N GLY B 441 15.72 -23.10 -9.40
CA GLY B 441 14.93 -23.55 -10.57
C GLY B 441 14.42 -22.39 -11.41
N GLY B 442 14.21 -21.23 -10.79
CA GLY B 442 13.70 -20.01 -11.45
C GLY B 442 14.82 -19.05 -11.83
N THR B 443 16.00 -19.58 -12.15
CA THR B 443 17.19 -18.83 -12.62
C THR B 443 16.83 -17.99 -13.86
N LYS B 444 15.91 -18.49 -14.70
CA LYS B 444 15.50 -17.85 -15.98
C LYS B 444 14.63 -16.62 -15.70
N ALA B 445 13.87 -16.63 -14.61
CA ALA B 445 12.89 -15.59 -14.23
C ALA B 445 13.57 -14.37 -13.62
N ALA B 446 14.90 -14.39 -13.50
CA ALA B 446 15.72 -13.29 -12.93
C ALA B 446 15.44 -11.99 -13.69
N ILE B 447 15.17 -10.91 -12.94
CA ILE B 447 14.95 -9.53 -13.48
C ILE B 447 16.15 -8.68 -13.07
N LYS B 448 16.78 -8.00 -14.04
CA LYS B 448 17.96 -7.13 -13.82
C LYS B 448 17.51 -5.86 -13.07
N GLY B 449 18.13 -5.60 -11.92
CA GLY B 449 17.90 -4.38 -11.11
C GLY B 449 16.95 -4.61 -9.94
N TYR B 450 16.24 -5.74 -9.93
CA TYR B 450 15.20 -6.08 -8.92
C TYR B 450 15.48 -7.46 -8.32
N ARG B 451 15.28 -7.60 -7.01
CA ARG B 451 15.26 -8.92 -6.30
C ARG B 451 13.80 -9.41 -6.27
N ILE B 452 13.60 -10.71 -6.51
CA ILE B 452 12.25 -11.34 -6.69
C ILE B 452 12.18 -12.64 -5.88
N ALA B 453 11.10 -12.79 -5.10
CA ALA B 453 10.75 -14.01 -4.33
C ALA B 453 9.74 -14.83 -5.14
N ILE B 454 10.22 -15.83 -5.88
CA ILE B 454 9.40 -16.67 -6.81
C ILE B 454 9.46 -18.13 -6.36
N LYS B 455 8.73 -19.01 -7.05
CA LYS B 455 8.68 -20.47 -6.77
C LYS B 455 8.05 -21.18 -7.99
N THR B 456 8.89 -21.72 -8.88
CA THR B 456 8.48 -22.43 -10.13
C THR B 456 8.07 -23.86 -9.79
N GLY B 457 7.11 -24.41 -10.52
CA GLY B 457 6.64 -25.81 -10.37
C GLY B 457 6.19 -26.39 -11.70
N THR B 458 5.80 -27.67 -11.68
CA THR B 458 5.35 -28.46 -12.88
C THR B 458 4.34 -29.51 -12.42
N ALA B 459 3.29 -29.74 -13.21
CA ALA B 459 2.21 -30.73 -12.95
C ALA B 459 1.78 -31.37 -14.28
N LYS B 460 1.80 -32.71 -14.34
CA LYS B 460 1.38 -33.49 -15.54
C LYS B 460 -0.13 -33.36 -15.72
N LYS B 461 -0.58 -33.27 -16.99
CA LYS B 461 -2.01 -33.19 -17.38
C LYS B 461 -2.72 -34.50 -17.02
N VAL B 462 -4.04 -34.44 -16.84
CA VAL B 462 -4.90 -35.54 -16.31
C VAL B 462 -6.23 -35.56 -17.06
N GLY B 463 -6.91 -36.72 -17.08
CA GLY B 463 -8.28 -36.87 -17.62
C GLY B 463 -8.27 -37.14 -19.12
N PRO B 464 -9.45 -37.46 -19.73
CA PRO B 464 -10.69 -37.68 -18.99
C PRO B 464 -10.83 -39.09 -18.42
N ASP B 465 -10.00 -40.04 -18.87
CA ASP B 465 -9.97 -41.45 -18.41
C ASP B 465 -9.33 -41.54 -17.02
N GLY B 466 -8.70 -40.45 -16.56
CA GLY B 466 -8.03 -40.36 -15.24
C GLY B 466 -6.53 -40.57 -15.37
N LYS B 467 -6.10 -41.41 -16.32
CA LYS B 467 -4.69 -41.76 -16.60
C LYS B 467 -3.91 -40.48 -16.95
N TYR B 468 -2.75 -40.29 -16.31
CA TYR B 468 -1.79 -39.18 -16.56
C TYR B 468 -1.21 -39.33 -17.97
N MET B 469 -0.96 -38.20 -18.64
CA MET B 469 -0.35 -38.14 -20.00
C MET B 469 1.10 -37.63 -19.87
N ASP B 470 1.81 -37.59 -21.01
CA ASP B 470 3.19 -37.02 -21.11
C ASP B 470 3.07 -35.53 -21.49
N ARG B 471 2.02 -34.86 -21.04
CA ARG B 471 1.73 -33.42 -21.27
C ARG B 471 1.76 -32.70 -19.90
N TYR B 472 2.33 -31.49 -19.85
CA TYR B 472 2.69 -30.78 -18.60
C TYR B 472 1.99 -29.41 -18.53
N LEU B 473 1.89 -28.87 -17.30
CA LEU B 473 1.51 -27.47 -16.99
C LEU B 473 2.68 -26.78 -16.27
N ALA B 474 3.39 -25.90 -16.96
CA ALA B 474 4.50 -25.09 -16.42
C ALA B 474 3.93 -23.80 -15.82
N TYR B 475 4.16 -23.58 -14.51
CA TYR B 475 3.64 -22.41 -13.75
C TYR B 475 4.73 -21.83 -12.85
N THR B 476 4.75 -20.50 -12.72
CA THR B 476 5.68 -19.73 -11.85
C THR B 476 4.88 -18.68 -11.06
N ALA B 477 4.65 -18.92 -9.78
CA ALA B 477 4.06 -17.95 -8.82
C ALA B 477 5.20 -17.21 -8.11
N GLY B 478 5.04 -15.92 -7.87
CA GLY B 478 6.10 -15.08 -7.25
C GLY B 478 5.58 -13.74 -6.74
N VAL B 479 6.51 -12.88 -6.32
CA VAL B 479 6.25 -11.62 -5.57
C VAL B 479 7.43 -10.67 -5.79
N ALA B 480 7.17 -9.38 -6.00
CA ALA B 480 8.19 -8.35 -6.33
C ALA B 480 7.69 -6.96 -5.96
N PRO B 481 8.59 -6.02 -5.57
CA PRO B 481 10.00 -6.32 -5.33
C PRO B 481 10.20 -6.97 -3.95
N ALA B 482 11.07 -7.98 -3.87
CA ALA B 482 11.23 -8.87 -2.69
C ALA B 482 11.51 -8.06 -1.42
N SER B 483 12.25 -6.96 -1.52
CA SER B 483 12.66 -6.09 -0.39
C SER B 483 11.41 -5.49 0.29
N ASN B 484 10.40 -5.14 -0.49
CA ASN B 484 9.07 -4.68 -0.02
C ASN B 484 8.03 -5.03 -1.08
N PRO B 485 7.46 -6.25 -1.06
CA PRO B 485 6.49 -6.68 -2.07
C PRO B 485 5.37 -5.67 -2.36
N ARG B 486 5.07 -5.47 -3.63
CA ARG B 486 3.96 -4.62 -4.15
C ARG B 486 3.04 -5.48 -5.03
N PHE B 487 3.62 -6.26 -5.94
CA PHE B 487 2.91 -7.07 -6.97
C PHE B 487 3.08 -8.56 -6.67
N ALA B 488 2.00 -9.32 -6.84
CA ALA B 488 1.96 -10.81 -6.78
C ALA B 488 1.48 -11.34 -8.13
N LEU B 489 2.36 -12.01 -8.88
CA LEU B 489 2.09 -12.51 -10.26
C LEU B 489 2.01 -14.04 -10.24
N VAL B 490 1.04 -14.59 -10.98
CA VAL B 490 0.95 -16.04 -11.34
C VAL B 490 1.00 -16.13 -12.87
N VAL B 491 1.75 -17.10 -13.39
CA VAL B 491 1.84 -17.44 -14.85
C VAL B 491 1.70 -18.95 -15.00
N VAL B 492 0.88 -19.40 -15.95
CA VAL B 492 0.80 -20.84 -16.37
C VAL B 492 0.96 -20.88 -17.90
N ILE B 493 1.71 -21.87 -18.39
CA ILE B 493 1.78 -22.25 -19.83
C ILE B 493 1.20 -23.67 -19.95
N ASN B 494 0.07 -23.79 -20.67
CA ASN B 494 -0.77 -25.01 -20.71
C ASN B 494 -0.33 -25.90 -21.89
N ASP B 495 0.21 -27.09 -21.58
CA ASP B 495 0.62 -28.13 -22.57
C ASP B 495 1.61 -27.55 -23.58
N PRO B 496 2.84 -27.19 -23.14
CA PRO B 496 3.91 -26.83 -24.08
C PRO B 496 4.41 -28.10 -24.80
N GLN B 497 4.72 -28.00 -26.09
CA GLN B 497 5.16 -29.16 -26.93
C GLN B 497 6.32 -28.75 -27.84
N ALA B 498 7.23 -27.91 -27.33
CA ALA B 498 8.44 -27.42 -28.04
C ALA B 498 9.64 -27.49 -27.09
N GLY B 503 11.84 -27.95 -22.29
CA GLY B 503 12.24 -27.96 -20.87
C GLY B 503 11.05 -28.17 -19.94
N GLY B 504 11.26 -27.97 -18.63
CA GLY B 504 10.22 -28.11 -17.59
C GLY B 504 9.73 -26.76 -17.10
N ALA B 505 10.65 -25.85 -16.76
CA ALA B 505 10.39 -24.48 -16.24
C ALA B 505 10.44 -23.46 -17.39
N VAL B 506 9.42 -23.48 -18.25
CA VAL B 506 9.29 -22.59 -19.44
C VAL B 506 8.52 -21.32 -19.06
N SER B 507 7.88 -21.32 -17.88
CA SER B 507 7.06 -20.20 -17.34
C SER B 507 7.95 -19.13 -16.72
N ALA B 508 9.17 -19.51 -16.29
CA ALA B 508 10.13 -18.63 -15.59
C ALA B 508 10.49 -17.41 -16.45
N PRO B 509 10.94 -17.58 -17.71
CA PRO B 509 11.25 -16.42 -18.56
C PRO B 509 10.06 -15.50 -18.81
N VAL B 510 8.85 -16.06 -18.90
CA VAL B 510 7.57 -15.31 -19.10
C VAL B 510 7.31 -14.45 -17.86
N PHE B 511 7.42 -15.04 -16.66
CA PHE B 511 7.28 -14.36 -15.35
C PHE B 511 8.25 -13.16 -15.31
N GLY B 512 9.53 -13.42 -15.59
CA GLY B 512 10.61 -12.42 -15.62
C GLY B 512 10.29 -11.28 -16.57
N ALA B 513 9.85 -11.60 -17.79
CA ALA B 513 9.46 -10.63 -18.84
C ALA B 513 8.28 -9.78 -18.35
N ILE B 514 7.21 -10.43 -17.89
CA ILE B 514 5.94 -9.78 -17.45
C ILE B 514 6.22 -8.93 -16.20
N MET B 515 6.60 -9.57 -15.09
CA MET B 515 6.86 -8.91 -13.77
C MET B 515 7.88 -7.78 -13.97
N GLY B 516 8.93 -8.03 -14.78
CA GLY B 516 9.95 -7.04 -15.15
C GLY B 516 9.32 -5.84 -15.85
N GLY B 517 8.42 -6.10 -16.80
CA GLY B 517 7.63 -5.07 -17.50
C GLY B 517 6.78 -4.26 -16.53
N VAL B 518 6.12 -4.93 -15.58
CA VAL B 518 5.20 -4.29 -14.58
C VAL B 518 6.00 -3.30 -13.73
N LEU B 519 7.15 -3.75 -13.18
CA LEU B 519 8.00 -2.94 -12.27
C LEU B 519 8.50 -1.69 -12.99
N ARG B 520 9.01 -1.84 -14.22
CA ARG B 520 9.54 -0.71 -15.04
C ARG B 520 8.40 0.24 -15.42
N THR B 521 7.26 -0.29 -15.84
CA THR B 521 6.06 0.50 -16.26
C THR B 521 5.56 1.35 -15.09
N MET B 522 5.52 0.77 -13.88
CA MET B 522 4.96 1.41 -12.65
C MET B 522 6.05 2.23 -11.94
N ASN B 523 7.26 2.30 -12.50
CA ASN B 523 8.40 3.09 -11.98
C ASN B 523 8.69 2.67 -10.52
N ILE B 524 8.73 1.36 -10.25
CA ILE B 524 9.14 0.84 -8.90
C ILE B 524 10.65 1.05 -8.76
N GLU B 525 11.07 1.77 -7.72
CA GLU B 525 12.49 2.07 -7.43
C GLU B 525 13.24 0.74 -7.31
N PRO B 526 14.23 0.48 -8.20
CA PRO B 526 15.01 -0.76 -8.16
C PRO B 526 15.69 -1.01 -6.82
N ASP B 527 15.83 -2.28 -6.42
CA ASP B 527 16.36 -2.71 -5.09
C ASP B 527 17.41 -3.81 -5.26
N ALA B 528 18.19 -3.79 -6.34
CA ALA B 528 19.39 -4.64 -6.55
C ALA B 528 20.45 -4.23 -5.53
N LEU B 529 21.19 -5.20 -4.98
CA LEU B 529 22.19 -4.99 -3.89
C LEU B 529 23.28 -4.02 -4.39
N PRO B 530 23.82 -4.20 -5.63
CA PRO B 530 24.77 -3.26 -6.20
C PRO B 530 24.10 -2.28 -7.19
#